data_4PS1
#
_entry.id   4PS1
#
_cell.length_a   115.870
_cell.length_b   144.603
_cell.length_c   86.193
_cell.angle_alpha   90.00
_cell.angle_beta   123.86
_cell.angle_gamma   90.00
#
_symmetry.space_group_name_H-M   'C 1 2 1'
#
loop_
_entity.id
_entity.type
_entity.pdbx_description
1 polymer Caspase-8
2 polymer '(BAL)LQ(HYP)(1U8) PEPTIDE'
3 non-polymer 2,3-DIHYDROXY-1,4-DITHIOBUTANE
4 water water
#
loop_
_entity_poly.entity_id
_entity_poly.type
_entity_poly.pdbx_seq_one_letter_code
_entity_poly.pdbx_strand_id
1 'polypeptide(L)'
;MSESQTLDKVYQMKSKPRGYCLIINNHNFAKAREKVPKLHSIRDRNGTHLDAGALTTTFEELHFEIKPHDDCTVEQIYEI
LKIYQLMDHSNMDCFICCILSHGDKGIIYGTDGQEAPIYELTSQFTGLKCPSLAGKPKVFFIQACQGDNYQKGIPVETDS
EEQPYLEMDLSSPQTRYIPDEADFLLGMATVNNCVSYRNPAEGTWYIQSLCQSLRERCPRGDDILTILTEVNYEVSNKDD
KKNMGKQMPQPTFTLRKKLVFPSDAAALEHHHHHH
;
A,B,C,D
2 'polypeptide(L)' (BAL)LQ(HYP)(1U8) E,F,G,H
#
# COMPACT_ATOMS: atom_id res chain seq x y z
N LEU A 7 -6.68 -42.17 -30.40
CA LEU A 7 -6.91 -40.94 -29.65
C LEU A 7 -5.63 -40.45 -28.96
N ASP A 8 -5.39 -39.14 -29.01
CA ASP A 8 -4.17 -38.55 -28.44
C ASP A 8 -4.12 -38.81 -26.96
N LYS A 9 -2.92 -39.06 -26.44
CA LYS A 9 -2.76 -39.19 -25.00
C LYS A 9 -2.88 -37.84 -24.31
N VAL A 10 -3.60 -37.83 -23.19
CA VAL A 10 -3.89 -36.61 -22.40
C VAL A 10 -3.56 -36.83 -20.95
N TYR A 11 -2.93 -35.87 -20.29
CA TYR A 11 -2.68 -36.07 -18.86
C TYR A 11 -3.97 -36.19 -18.07
N GLN A 12 -4.01 -37.11 -17.12
CA GLN A 12 -5.15 -37.19 -16.19
C GLN A 12 -5.34 -35.85 -15.53
N MET A 13 -6.57 -35.36 -15.41
CA MET A 13 -6.69 -34.01 -14.84
C MET A 13 -8.07 -33.92 -14.21
N LYS A 14 -8.25 -34.65 -13.12
CA LYS A 14 -9.59 -34.81 -12.56
C LYS A 14 -9.64 -34.73 -11.04
N SER A 15 -8.49 -34.72 -10.39
CA SER A 15 -8.50 -34.66 -8.93
C SER A 15 -9.02 -33.31 -8.43
N LYS A 16 -9.61 -33.35 -7.23
CA LYS A 16 -10.11 -32.13 -6.58
C LYS A 16 -9.40 -31.90 -5.26
N PRO A 17 -8.49 -30.92 -5.18
CA PRO A 17 -8.06 -30.03 -6.27
C PRO A 17 -7.17 -30.73 -7.29
N ARG A 18 -6.91 -30.03 -8.40
CA ARG A 18 -6.01 -30.54 -9.44
C ARG A 18 -4.62 -30.64 -8.89
N GLY A 19 -4.28 -29.71 -7.98
CA GLY A 19 -2.92 -29.61 -7.48
C GLY A 19 -2.77 -28.20 -6.93
N TYR A 20 -1.58 -27.87 -6.46
CA TYR A 20 -1.27 -26.54 -6.00
C TYR A 20 -0.90 -25.66 -7.16
N CYS A 21 -1.31 -24.40 -7.08
CA CYS A 21 -0.81 -23.37 -7.97
C CYS A 21 -0.13 -22.33 -7.13
N LEU A 22 1.21 -22.36 -7.04
CA LEU A 22 1.97 -21.36 -6.28
C LEU A 22 2.03 -20.06 -7.08
N ILE A 23 1.94 -18.94 -6.38
CA ILE A 23 2.19 -17.66 -7.02
C ILE A 23 3.23 -16.95 -6.16
N ILE A 24 4.40 -16.75 -6.73
CA ILE A 24 5.44 -16.02 -6.05
C ILE A 24 5.33 -14.63 -6.63
N ASN A 25 4.87 -13.68 -5.82
CA ASN A 25 4.45 -12.39 -6.32
C ASN A 25 5.33 -11.29 -5.73
N ASN A 26 6.37 -10.90 -6.45
CA ASN A 26 7.29 -9.92 -5.88
C ASN A 26 6.96 -8.51 -6.30
N HIS A 27 6.66 -7.67 -5.32
CA HIS A 27 6.28 -6.32 -5.58
C HIS A 27 7.27 -5.33 -4.99
N ASN A 28 7.65 -5.54 -3.75
CA ASN A 28 8.43 -4.56 -2.97
C ASN A 28 9.94 -4.85 -3.05
N PHE A 29 10.65 -4.01 -3.81
CA PHE A 29 12.07 -4.17 -4.02
C PHE A 29 12.92 -3.17 -3.23
N ALA A 30 12.36 -2.67 -2.12
CA ALA A 30 13.15 -1.77 -1.24
C ALA A 30 14.49 -2.39 -0.82
N LYS A 31 14.50 -3.69 -0.55
CA LYS A 31 15.73 -4.27 -0.01
C LYS A 31 16.77 -4.42 -1.10
N ALA A 32 16.35 -4.82 -2.33
CA ALA A 32 17.24 -4.77 -3.51
C ALA A 32 17.83 -3.36 -3.76
N ARG A 33 16.98 -2.33 -3.68
CA ARG A 33 17.46 -0.96 -3.84
C ARG A 33 18.50 -0.57 -2.80
N GLU A 34 18.39 -1.13 -1.60
CA GLU A 34 19.33 -0.81 -0.52
C GLU A 34 20.65 -1.59 -0.68
N LYS A 35 20.53 -2.86 -1.07
CA LYS A 35 21.60 -3.83 -0.82
C LYS A 35 22.51 -4.10 -2.03
N VAL A 36 21.94 -3.97 -3.23
CA VAL A 36 22.67 -4.34 -4.44
C VAL A 36 22.96 -3.08 -5.27
N PRO A 37 24.25 -2.69 -5.37
CA PRO A 37 24.60 -1.41 -6.00
C PRO A 37 23.91 -1.18 -7.35
N LYS A 38 23.92 -2.15 -8.25
CA LYS A 38 23.43 -1.89 -9.61
C LYS A 38 21.89 -1.83 -9.63
N LEU A 39 21.25 -2.16 -8.49
CA LEU A 39 19.79 -2.25 -8.41
C LEU A 39 19.27 -1.07 -7.63
N HIS A 40 20.11 -0.04 -7.45
CA HIS A 40 19.68 1.10 -6.60
C HIS A 40 18.35 1.75 -7.06
N SER A 41 18.00 1.66 -8.35
CA SER A 41 16.77 2.28 -8.84
CA SER A 41 16.77 2.29 -8.82
C SER A 41 15.72 1.28 -9.34
N ILE A 42 15.93 -0.01 -9.04
CA ILE A 42 14.97 -1.01 -9.53
C ILE A 42 13.62 -0.72 -8.90
N ARG A 43 12.57 -0.78 -9.70
CA ARG A 43 11.28 -0.22 -9.26
C ARG A 43 10.42 -1.22 -8.55
N ASP A 44 9.55 -0.76 -7.64
CA ASP A 44 8.52 -1.66 -7.12
C ASP A 44 7.65 -2.06 -8.29
N ARG A 45 7.13 -3.30 -8.28
CA ARG A 45 6.43 -3.75 -9.48
C ARG A 45 4.93 -3.44 -9.45
N ASN A 46 4.57 -2.16 -9.43
CA ASN A 46 3.16 -1.74 -9.48
C ASN A 46 2.44 -2.38 -10.65
N GLY A 47 1.27 -2.92 -10.39
CA GLY A 47 0.54 -3.67 -11.39
C GLY A 47 0.54 -5.17 -11.15
N THR A 48 1.52 -5.67 -10.41
CA THR A 48 1.64 -7.09 -10.23
C THR A 48 0.42 -7.66 -9.47
N HIS A 49 -0.27 -6.84 -8.67
CA HIS A 49 -1.47 -7.34 -7.98
C HIS A 49 -2.53 -7.76 -8.98
N LEU A 50 -2.58 -7.10 -10.14
CA LEU A 50 -3.59 -7.47 -11.13
C LEU A 50 -3.28 -8.80 -11.78
N ASP A 51 -1.99 -9.11 -11.92
CA ASP A 51 -1.55 -10.44 -12.41
C ASP A 51 -1.90 -11.52 -11.38
N ALA A 52 -1.58 -11.26 -10.12
CA ALA A 52 -1.90 -12.26 -9.09
C ALA A 52 -3.40 -12.52 -9.03
N GLY A 53 -4.21 -11.48 -9.20
CA GLY A 53 -5.64 -11.60 -9.11
C GLY A 53 -6.18 -12.41 -10.27
N ALA A 54 -5.68 -12.12 -11.49
CA ALA A 54 -6.11 -12.86 -12.69
C ALA A 54 -5.71 -14.33 -12.61
N LEU A 55 -4.50 -14.59 -12.17
CA LEU A 55 -4.06 -15.99 -12.05
C LEU A 55 -4.89 -16.71 -11.02
N THR A 56 -5.19 -16.02 -9.92
CA THR A 56 -5.95 -16.68 -8.83
C THR A 56 -7.33 -17.09 -9.34
N THR A 57 -8.02 -16.14 -9.98
CA THR A 57 -9.35 -16.38 -10.53
C THR A 57 -9.34 -17.47 -11.56
N THR A 58 -8.39 -17.36 -12.48
CA THR A 58 -8.27 -18.32 -13.60
C THR A 58 -8.01 -19.72 -13.08
N PHE A 59 -7.02 -19.87 -12.20
CA PHE A 59 -6.70 -21.24 -11.80
C PHE A 59 -7.62 -21.76 -10.68
N GLU A 60 -8.24 -20.88 -9.89
CA GLU A 60 -9.28 -21.40 -9.01
C GLU A 60 -10.45 -22.01 -9.80
N GLU A 61 -10.83 -21.34 -10.88
CA GLU A 61 -11.93 -21.83 -11.73
C GLU A 61 -11.58 -23.16 -12.36
N LEU A 62 -10.30 -23.39 -12.59
CA LEU A 62 -9.82 -24.69 -13.10
C LEU A 62 -9.54 -25.74 -11.98
N HIS A 63 -9.95 -25.39 -10.75
CA HIS A 63 -9.92 -26.24 -9.55
C HIS A 63 -8.53 -26.50 -9.00
N PHE A 64 -7.63 -25.57 -9.20
CA PHE A 64 -6.36 -25.58 -8.47
C PHE A 64 -6.52 -24.91 -7.13
N GLU A 65 -5.67 -25.31 -6.18
CA GLU A 65 -5.60 -24.68 -4.87
C GLU A 65 -4.52 -23.62 -4.90
N ILE A 66 -4.90 -22.36 -4.75
CA ILE A 66 -3.94 -21.26 -5.03
C ILE A 66 -3.14 -20.97 -3.77
N LYS A 67 -1.81 -20.85 -3.92
CA LYS A 67 -0.89 -20.63 -2.80
C LYS A 67 -0.05 -19.40 -3.07
N PRO A 68 -0.57 -18.22 -2.68
CA PRO A 68 0.19 -17.00 -2.95
C PRO A 68 1.22 -16.71 -1.87
N HIS A 69 2.34 -16.17 -2.34
CA HIS A 69 3.43 -15.75 -1.46
C HIS A 69 3.91 -14.41 -2.00
N ASP A 70 3.75 -13.36 -1.21
CA ASP A 70 4.15 -12.02 -1.66
C ASP A 70 5.55 -11.64 -1.14
N ASP A 71 6.32 -10.95 -1.97
CA ASP A 71 7.59 -10.31 -1.61
C ASP A 71 8.58 -11.29 -1.00
N CYS A 72 9.03 -12.21 -1.84
CA CYS A 72 9.95 -13.24 -1.43
C CYS A 72 11.38 -12.94 -1.83
N THR A 73 12.26 -13.02 -0.85
CA THR A 73 13.71 -13.00 -1.10
C THR A 73 14.11 -14.29 -1.79
N VAL A 74 15.34 -14.37 -2.31
CA VAL A 74 15.74 -15.61 -2.94
C VAL A 74 15.74 -16.75 -1.95
N GLU A 75 16.25 -16.50 -0.75
CA GLU A 75 16.26 -17.52 0.28
C GLU A 75 14.84 -18.03 0.57
N GLN A 76 13.88 -17.11 0.62
CA GLN A 76 12.49 -17.55 0.91
C GLN A 76 11.90 -18.35 -0.23
N ILE A 77 12.23 -17.96 -1.47
CA ILE A 77 11.74 -18.71 -2.64
C ILE A 77 12.25 -20.15 -2.56
N TYR A 78 13.56 -20.35 -2.29
CA TYR A 78 14.05 -21.71 -2.14
C TYR A 78 13.39 -22.45 -0.96
N GLU A 79 13.18 -21.77 0.16
CA GLU A 79 12.53 -22.44 1.28
C GLU A 79 11.07 -22.84 0.94
N ILE A 80 10.34 -21.98 0.26
CA ILE A 80 8.98 -22.29 -0.19
C ILE A 80 8.96 -23.48 -1.19
N LEU A 81 9.83 -23.45 -2.19
CA LEU A 81 9.82 -24.56 -3.15
C LEU A 81 10.22 -25.90 -2.50
N LYS A 82 11.13 -25.84 -1.53
CA LYS A 82 11.50 -27.06 -0.78
C LYS A 82 10.32 -27.63 0.00
N ILE A 83 9.59 -26.75 0.68
CA ILE A 83 8.36 -27.16 1.35
C ILE A 83 7.42 -27.92 0.37
N TYR A 84 7.19 -27.37 -0.83
CA TYR A 84 6.34 -28.08 -1.82
C TYR A 84 7.01 -29.31 -2.43
N GLN A 85 8.33 -29.28 -2.63
CA GLN A 85 9.07 -30.45 -3.11
C GLN A 85 8.86 -31.63 -2.20
N LEU A 86 8.87 -31.37 -0.89
CA LEU A 86 8.76 -32.43 0.12
C LEU A 86 7.33 -32.83 0.50
N MET A 87 6.34 -32.14 -0.06
CA MET A 87 4.93 -32.47 0.19
C MET A 87 4.51 -33.73 -0.59
N ASP A 88 3.43 -34.36 -0.14
CA ASP A 88 2.90 -35.53 -0.86
C ASP A 88 1.89 -35.09 -1.92
N HIS A 89 2.27 -35.16 -3.20
CA HIS A 89 1.35 -34.81 -4.29
C HIS A 89 0.65 -36.06 -4.85
N SER A 90 0.67 -37.17 -4.14
CA SER A 90 0.09 -38.43 -4.68
C SER A 90 -1.37 -38.28 -5.14
N ASN A 91 -2.15 -37.48 -4.42
CA ASN A 91 -3.55 -37.34 -4.79
C ASN A 91 -3.85 -36.17 -5.71
N MET A 92 -2.79 -35.57 -6.26
CA MET A 92 -2.87 -34.39 -7.13
C MET A 92 -2.56 -34.88 -8.54
N ASP A 93 -3.01 -34.13 -9.54
CA ASP A 93 -2.72 -34.49 -10.92
C ASP A 93 -1.75 -33.57 -11.62
N CYS A 94 -1.36 -32.48 -10.95
CA CYS A 94 -0.62 -31.39 -11.61
C CYS A 94 0.01 -30.48 -10.55
N PHE A 95 1.09 -29.78 -10.93
CA PHE A 95 1.67 -28.74 -10.07
C PHE A 95 1.98 -27.54 -10.93
N ILE A 96 1.61 -26.34 -10.46
CA ILE A 96 1.89 -25.11 -11.23
C ILE A 96 2.61 -24.15 -10.32
N CYS A 97 3.60 -23.44 -10.86
CA CYS A 97 4.30 -22.40 -10.09
C CYS A 97 4.43 -21.16 -10.95
N CYS A 98 3.91 -20.02 -10.49
CA CYS A 98 3.93 -18.75 -11.22
C CYS A 98 4.88 -17.84 -10.52
N ILE A 99 5.90 -17.34 -11.23
CA ILE A 99 6.84 -16.41 -10.65
C ILE A 99 6.68 -15.04 -11.34
N LEU A 100 6.43 -14.02 -10.52
CA LEU A 100 6.18 -12.62 -11.00
C LEU A 100 7.27 -11.78 -10.37
N SER A 101 8.24 -11.31 -11.16
CA SER A 101 9.36 -10.62 -10.55
C SER A 101 10.14 -9.86 -11.60
N HIS A 102 11.13 -9.12 -11.13
CA HIS A 102 12.19 -8.67 -12.04
C HIS A 102 13.09 -9.84 -12.40
N GLY A 103 13.83 -9.69 -13.49
CA GLY A 103 14.76 -10.75 -13.86
C GLY A 103 15.81 -10.27 -14.83
N ASP A 104 16.71 -11.19 -15.21
CA ASP A 104 17.77 -10.92 -16.18
C ASP A 104 18.06 -12.27 -16.87
N LYS A 105 19.09 -12.33 -17.72
CA LYS A 105 19.30 -13.55 -18.51
C LYS A 105 19.38 -14.83 -17.66
N GLY A 106 18.39 -15.70 -17.78
CA GLY A 106 18.35 -16.99 -17.09
C GLY A 106 17.99 -16.95 -15.62
N ILE A 107 17.65 -15.77 -15.11
CA ILE A 107 17.40 -15.64 -13.66
C ILE A 107 16.17 -14.82 -13.37
N ILE A 108 15.67 -14.98 -12.14
CA ILE A 108 14.69 -14.04 -11.59
C ILE A 108 15.28 -13.50 -10.30
N TYR A 109 14.85 -12.31 -9.93
CA TYR A 109 15.36 -11.69 -8.72
C TYR A 109 14.43 -11.92 -7.50
N GLY A 110 15.02 -12.13 -6.35
CA GLY A 110 14.25 -12.02 -5.11
C GLY A 110 14.10 -10.56 -4.77
N THR A 111 13.23 -10.27 -3.80
CA THR A 111 13.02 -8.85 -3.46
C THR A 111 14.22 -8.21 -2.81
N ASP A 112 15.16 -9.04 -2.33
CA ASP A 112 16.45 -8.58 -1.80
C ASP A 112 17.50 -8.28 -2.90
N GLY A 113 17.15 -8.58 -4.14
CA GLY A 113 18.09 -8.37 -5.22
C GLY A 113 19.08 -9.47 -5.49
N GLN A 114 18.92 -10.57 -4.78
CA GLN A 114 19.73 -11.73 -5.13
C GLN A 114 19.15 -12.43 -6.33
N GLU A 115 19.96 -13.27 -6.98
CA GLU A 115 19.53 -13.93 -8.21
C GLU A 115 19.18 -15.38 -7.97
N ALA A 116 18.15 -15.87 -8.64
CA ALA A 116 17.85 -17.32 -8.63
C ALA A 116 17.78 -17.79 -10.09
N PRO A 117 18.71 -18.64 -10.49
CA PRO A 117 18.64 -19.27 -11.80
C PRO A 117 17.33 -20.03 -11.97
N ILE A 118 16.65 -19.80 -13.09
CA ILE A 118 15.33 -20.42 -13.32
C ILE A 118 15.48 -21.95 -13.25
N TYR A 119 16.58 -22.47 -13.80
CA TYR A 119 16.75 -23.93 -13.80
C TYR A 119 16.89 -24.49 -12.39
N GLU A 120 17.42 -23.68 -11.48
CA GLU A 120 17.50 -24.14 -10.08
C GLU A 120 16.14 -24.23 -9.42
N LEU A 121 15.18 -23.50 -9.94
CA LEU A 121 13.84 -23.53 -9.40
C LEU A 121 13.07 -24.73 -9.96
N THR A 122 13.02 -24.82 -11.27
CA THR A 122 12.31 -25.90 -11.91
C THR A 122 12.89 -27.28 -11.55
N SER A 123 14.21 -27.40 -11.49
CA SER A 123 14.79 -28.73 -11.24
C SER A 123 14.51 -29.24 -9.82
N GLN A 124 13.80 -28.46 -8.98
CA GLN A 124 13.38 -28.95 -7.66
C GLN A 124 12.21 -29.94 -7.79
N PHE A 125 11.66 -30.08 -9.01
CA PHE A 125 10.45 -30.88 -9.17
C PHE A 125 10.61 -32.00 -10.21
N THR A 126 11.84 -32.41 -10.46
CA THR A 126 12.12 -33.59 -11.29
C THR A 126 11.54 -34.85 -10.69
N GLY A 127 11.48 -35.91 -11.49
CA GLY A 127 11.01 -37.20 -10.98
C GLY A 127 11.75 -37.73 -9.78
N LEU A 128 13.06 -37.49 -9.74
CA LEU A 128 13.86 -37.93 -8.62
C LEU A 128 13.71 -37.04 -7.40
N LYS A 129 13.48 -35.76 -7.58
CA LYS A 129 13.36 -34.91 -6.41
C LYS A 129 11.94 -34.89 -5.85
N CYS A 130 10.96 -35.09 -6.70
CA CYS A 130 9.59 -35.10 -6.22
C CYS A 130 8.84 -36.29 -6.84
N PRO A 131 9.08 -37.49 -6.30
CA PRO A 131 8.49 -38.68 -6.92
C PRO A 131 6.97 -38.68 -6.98
N SER A 132 6.29 -38.00 -6.05
CA SER A 132 4.82 -38.04 -6.09
C SER A 132 4.26 -37.18 -7.20
N LEU A 133 5.12 -36.46 -7.93
CA LEU A 133 4.69 -35.74 -9.16
C LEU A 133 5.25 -36.42 -10.43
N ALA A 134 5.90 -37.58 -10.27
CA ALA A 134 6.41 -38.24 -11.46
C ALA A 134 5.30 -38.67 -12.43
N GLY A 135 5.50 -38.38 -13.71
CA GLY A 135 4.51 -38.68 -14.75
C GLY A 135 3.39 -37.62 -14.82
N LYS A 136 3.47 -36.60 -13.97
CA LYS A 136 2.43 -35.55 -13.89
C LYS A 136 3.00 -34.22 -14.37
N PRO A 137 2.17 -33.39 -15.01
CA PRO A 137 2.70 -32.14 -15.55
C PRO A 137 3.10 -31.14 -14.48
N LYS A 138 4.31 -30.57 -14.64
CA LYS A 138 4.84 -29.50 -13.80
C LYS A 138 4.93 -28.27 -14.66
N VAL A 139 4.17 -27.24 -14.31
CA VAL A 139 4.03 -26.06 -15.17
C VAL A 139 4.60 -24.84 -14.45
N PHE A 140 5.55 -24.14 -15.09
CA PHE A 140 6.10 -22.90 -14.53
C PHE A 140 5.84 -21.77 -15.47
N PHE A 141 5.26 -20.68 -14.97
CA PHE A 141 5.07 -19.50 -15.79
C PHE A 141 5.99 -18.45 -15.21
N ILE A 142 6.88 -17.87 -16.04
CA ILE A 142 7.84 -16.89 -15.50
C ILE A 142 7.59 -15.52 -16.12
N GLN A 143 7.15 -14.55 -15.32
CA GLN A 143 6.95 -13.18 -15.81
C GLN A 143 8.08 -12.39 -15.23
N ALA A 144 9.08 -12.09 -16.07
CA ALA A 144 10.29 -11.32 -15.70
C ALA A 144 10.94 -10.94 -17.01
N CYS A 145 11.76 -9.90 -16.98
CA CYS A 145 12.69 -9.69 -18.10
C CYS A 145 13.69 -10.80 -18.09
N GLN A 146 14.32 -11.00 -19.26
CA GLN A 146 15.44 -11.89 -19.38
C GLN A 146 16.62 -11.18 -20.00
N GLY A 147 16.74 -9.89 -19.69
CA GLY A 147 17.83 -9.08 -20.22
C GLY A 147 17.29 -7.68 -20.39
N ASP A 148 18.08 -6.77 -20.96
CA ASP A 148 17.63 -5.38 -21.00
C ASP A 148 17.45 -4.87 -22.41
N ASN A 149 17.52 -5.76 -23.39
CA ASN A 149 17.32 -5.35 -24.79
C ASN A 149 15.84 -5.23 -25.10
N TYR A 150 15.49 -4.19 -25.87
CA TYR A 150 14.16 -4.07 -26.49
C TYR A 150 14.11 -4.97 -27.72
N GLN A 151 13.13 -5.82 -27.79
CA GLN A 151 12.96 -6.66 -28.98
C GLN A 151 12.48 -5.77 -30.14
N LYS A 152 13.07 -5.85 -31.34
CA LYS A 152 12.62 -4.96 -32.38
C LYS A 152 11.42 -5.51 -33.13
N GLY A 153 10.72 -4.64 -33.85
CA GLY A 153 9.57 -5.06 -34.61
C GLY A 153 9.78 -4.99 -36.11
N ILE A 154 9.14 -5.88 -36.85
CA ILE A 154 9.22 -5.85 -38.31
C ILE A 154 7.82 -5.87 -38.90
N PRO A 155 7.61 -5.15 -40.00
CA PRO A 155 6.28 -5.15 -40.59
C PRO A 155 5.96 -6.40 -41.43
N VAL A 156 4.69 -6.82 -41.43
CA VAL A 156 4.24 -7.93 -42.25
C VAL A 156 2.94 -7.57 -42.93
N THR A 175 7.93 -51.91 -15.09
CA THR A 175 7.04 -50.95 -15.71
C THR A 175 7.86 -50.05 -16.64
N ARG A 176 7.30 -48.90 -16.98
CA ARG A 176 7.96 -47.98 -17.86
C ARG A 176 8.80 -47.01 -17.01
N TYR A 177 9.95 -46.65 -17.55
CA TYR A 177 10.72 -45.58 -16.96
C TYR A 177 10.56 -44.39 -17.88
N ILE A 178 10.49 -43.20 -17.31
CA ILE A 178 10.50 -42.00 -18.11
C ILE A 178 11.64 -41.10 -17.64
N PRO A 179 12.03 -40.11 -18.48
CA PRO A 179 13.15 -39.28 -18.06
C PRO A 179 12.87 -38.45 -16.81
N ASP A 180 13.92 -38.25 -16.05
CA ASP A 180 13.89 -37.38 -14.85
C ASP A 180 13.27 -36.00 -15.12
N GLU A 181 13.56 -35.45 -16.30
CA GLU A 181 13.07 -34.11 -16.63
C GLU A 181 11.86 -34.10 -17.56
N ALA A 182 11.12 -35.22 -17.64
CA ALA A 182 9.88 -35.24 -18.40
C ALA A 182 8.75 -34.39 -17.80
N ASP A 183 7.77 -34.08 -18.64
CA ASP A 183 6.45 -33.52 -18.20
C ASP A 183 6.56 -32.15 -17.61
N PHE A 184 7.49 -31.37 -18.14
CA PHE A 184 7.60 -29.93 -17.75
C PHE A 184 7.06 -29.06 -18.86
N LEU A 185 6.46 -27.94 -18.47
CA LEU A 185 6.13 -26.87 -19.38
C LEU A 185 6.71 -25.59 -18.73
N LEU A 186 7.53 -24.83 -19.47
CA LEU A 186 8.13 -23.59 -18.95
C LEU A 186 7.57 -22.50 -19.86
N GLY A 187 6.66 -21.70 -19.35
CA GLY A 187 6.12 -20.60 -20.13
C GLY A 187 6.88 -19.33 -19.79
N MET A 188 7.79 -18.90 -20.67
CA MET A 188 8.53 -17.66 -20.47
C MET A 188 7.84 -16.47 -21.10
N ALA A 189 7.82 -15.35 -20.39
CA ALA A 189 7.22 -14.09 -20.91
C ALA A 189 8.00 -13.49 -22.07
N THR A 190 9.24 -13.89 -22.18
CA THR A 190 10.10 -13.37 -23.24
C THR A 190 11.22 -14.30 -23.60
N VAL A 191 11.66 -14.18 -24.87
CA VAL A 191 12.91 -14.78 -25.30
C VAL A 191 14.07 -14.24 -24.51
N ASN A 192 15.16 -14.98 -24.53
CA ASN A 192 16.37 -14.56 -23.84
C ASN A 192 16.88 -13.20 -24.31
N ASN A 193 17.50 -12.47 -23.37
CA ASN A 193 18.20 -11.19 -23.58
C ASN A 193 17.29 -9.96 -23.64
N CYS A 194 15.97 -10.16 -23.62
CA CYS A 194 15.04 -9.05 -23.81
C CYS A 194 14.10 -8.78 -22.65
N VAL A 195 13.49 -7.59 -22.70
CA VAL A 195 12.55 -7.17 -21.65
C VAL A 195 11.15 -7.78 -21.80
N SER A 196 10.42 -7.87 -20.70
CA SER A 196 8.98 -8.09 -20.80
C SER A 196 8.31 -6.90 -20.10
N TYR A 197 7.04 -6.64 -20.45
CA TYR A 197 6.40 -5.40 -20.02
C TYR A 197 5.29 -5.54 -19.00
N ARG A 198 5.19 -4.49 -18.16
CA ARG A 198 4.24 -4.40 -17.07
C ARG A 198 3.59 -3.06 -17.16
N ASN A 199 2.25 -3.05 -17.16
CA ASN A 199 1.50 -1.81 -17.15
C ASN A 199 0.91 -1.68 -15.74
N PRO A 200 1.26 -0.63 -15.00
CA PRO A 200 0.76 -0.58 -13.62
C PRO A 200 -0.77 -0.57 -13.53
N ALA A 201 -1.43 -0.09 -14.59
CA ALA A 201 -2.91 -0.01 -14.58
C ALA A 201 -3.59 -1.30 -15.03
N GLU A 202 -2.82 -2.23 -15.59
CA GLU A 202 -3.39 -3.42 -16.24
C GLU A 202 -2.86 -4.77 -15.83
N GLY A 203 -1.60 -4.80 -15.38
CA GLY A 203 -0.91 -6.08 -15.22
C GLY A 203 0.13 -6.22 -16.31
N THR A 204 0.69 -7.41 -16.44
CA THR A 204 1.72 -7.60 -17.48
C THR A 204 1.16 -8.13 -18.77
N TRP A 205 1.84 -7.78 -19.86
CA TRP A 205 1.36 -8.20 -21.17
C TRP A 205 1.16 -9.71 -21.15
N TYR A 206 2.21 -10.42 -20.72
CA TYR A 206 2.16 -11.89 -20.78
C TYR A 206 1.13 -12.52 -19.85
N ILE A 207 1.15 -12.18 -18.56
CA ILE A 207 0.21 -12.90 -17.65
C ILE A 207 -1.23 -12.54 -17.98
N GLN A 208 -1.50 -11.30 -18.33
CA GLN A 208 -2.86 -10.91 -18.72
C GLN A 208 -3.32 -11.65 -19.99
N SER A 209 -2.44 -11.77 -20.99
CA SER A 209 -2.81 -12.54 -22.19
CA SER A 209 -2.80 -12.54 -22.19
C SER A 209 -3.00 -14.02 -21.88
N LEU A 210 -2.16 -14.55 -21.01
CA LEU A 210 -2.23 -15.97 -20.62
C LEU A 210 -3.58 -16.26 -19.96
N CYS A 211 -3.97 -15.43 -18.98
CA CYS A 211 -5.24 -15.67 -18.29
C CYS A 211 -6.45 -15.49 -19.20
N GLN A 212 -6.39 -14.51 -20.12
CA GLN A 212 -7.48 -14.29 -21.03
C GLN A 212 -7.66 -15.54 -21.90
N SER A 213 -6.54 -16.03 -22.41
CA SER A 213 -6.63 -17.18 -23.30
C SER A 213 -7.06 -18.44 -22.56
N LEU A 214 -6.54 -18.67 -21.36
CA LEU A 214 -7.00 -19.80 -20.53
C LEU A 214 -8.48 -19.68 -20.31
N ARG A 215 -8.95 -18.49 -19.90
CA ARG A 215 -10.38 -18.37 -19.57
C ARG A 215 -11.28 -18.56 -20.80
N GLU A 216 -10.82 -18.13 -21.98
CA GLU A 216 -11.63 -18.32 -23.20
C GLU A 216 -11.56 -19.74 -23.71
N ARG A 217 -10.40 -20.38 -23.59
CA ARG A 217 -10.20 -21.62 -24.32
C ARG A 217 -10.28 -22.91 -23.52
N CYS A 218 -9.94 -22.89 -22.24
CA CYS A 218 -10.15 -24.11 -21.43
C CYS A 218 -11.59 -24.64 -21.48
N PRO A 219 -12.61 -23.76 -21.48
CA PRO A 219 -13.95 -24.34 -21.52
C PRO A 219 -14.25 -25.05 -22.84
N ARG A 220 -13.45 -24.76 -23.88
CA ARG A 220 -13.65 -25.33 -25.21
C ARG A 220 -12.85 -26.63 -25.32
N GLY A 221 -12.04 -26.92 -24.31
CA GLY A 221 -11.25 -28.14 -24.28
C GLY A 221 -9.90 -28.05 -24.97
N ASP A 222 -9.45 -26.82 -25.27
CA ASP A 222 -8.16 -26.63 -25.96
C ASP A 222 -7.00 -26.96 -25.00
N ASP A 223 -5.89 -27.43 -25.58
CA ASP A 223 -4.74 -27.80 -24.78
C ASP A 223 -3.79 -26.64 -24.56
N ILE A 224 -2.87 -26.80 -23.64
CA ILE A 224 -2.08 -25.65 -23.21
C ILE A 224 -1.15 -25.13 -24.36
N LEU A 225 -0.70 -26.00 -25.27
CA LEU A 225 0.20 -25.53 -26.35
C LEU A 225 -0.55 -24.66 -27.37
N THR A 226 -1.77 -25.04 -27.68
CA THR A 226 -2.68 -24.21 -28.50
C THR A 226 -2.88 -22.84 -27.81
N ILE A 227 -3.19 -22.87 -26.53
CA ILE A 227 -3.39 -21.66 -25.76
C ILE A 227 -2.12 -20.78 -25.77
N LEU A 228 -0.95 -21.37 -25.55
CA LEU A 228 0.30 -20.59 -25.49
C LEU A 228 0.68 -20.04 -26.89
N THR A 229 0.27 -20.73 -27.96
CA THR A 229 0.47 -20.22 -29.29
C THR A 229 -0.35 -18.92 -29.45
N GLU A 230 -1.61 -18.94 -28.97
CA GLU A 230 -2.45 -17.72 -29.04
C GLU A 230 -1.80 -16.62 -28.19
N VAL A 231 -1.24 -16.98 -27.04
CA VAL A 231 -0.60 -15.98 -26.19
C VAL A 231 0.58 -15.37 -26.98
N ASN A 232 1.35 -16.21 -27.65
CA ASN A 232 2.40 -15.68 -28.54
C ASN A 232 1.83 -14.69 -29.56
N TYR A 233 0.72 -15.06 -30.22
CA TYR A 233 0.12 -14.17 -31.19
C TYR A 233 -0.32 -12.83 -30.58
N GLU A 234 -1.03 -12.91 -29.46
CA GLU A 234 -1.55 -11.68 -28.85
C GLU A 234 -0.47 -10.76 -28.31
N VAL A 235 0.50 -11.32 -27.61
CA VAL A 235 1.55 -10.46 -27.03
C VAL A 235 2.42 -9.88 -28.17
N SER A 236 2.59 -10.66 -29.27
CA SER A 236 3.31 -10.16 -30.43
C SER A 236 2.70 -8.95 -31.08
N ASN A 237 1.41 -8.76 -30.87
CA ASN A 237 0.73 -7.65 -31.51
C ASN A 237 0.73 -6.38 -30.69
N LYS A 238 1.27 -6.44 -29.47
CA LYS A 238 1.39 -5.23 -28.63
C LYS A 238 2.66 -4.42 -28.94
N ASP A 239 2.66 -3.15 -28.59
CA ASP A 239 3.75 -2.24 -28.98
C ASP A 239 4.12 -1.36 -27.83
N ASP A 240 5.42 -1.22 -27.60
CA ASP A 240 5.94 -0.16 -26.74
C ASP A 240 6.35 0.96 -27.68
N LYS A 241 5.46 1.91 -27.95
CA LYS A 241 5.70 2.91 -28.98
C LYS A 241 6.88 3.83 -28.62
N LYS A 242 7.07 4.12 -27.33
CA LYS A 242 8.14 5.00 -26.88
C LYS A 242 9.52 4.47 -27.25
N ASN A 243 9.66 3.15 -27.27
CA ASN A 243 10.95 2.57 -27.62
C ASN A 243 10.90 1.77 -28.92
N MET A 244 9.82 1.92 -29.69
CA MET A 244 9.53 1.03 -30.85
C MET A 244 9.82 -0.41 -30.44
N GLY A 245 9.31 -0.80 -29.28
CA GLY A 245 9.64 -2.10 -28.73
C GLY A 245 8.56 -3.15 -28.86
N LYS A 246 8.98 -4.41 -28.92
CA LYS A 246 8.05 -5.53 -28.94
C LYS A 246 8.37 -6.52 -27.80
N GLN A 247 7.55 -7.56 -27.67
CA GLN A 247 7.81 -8.63 -26.71
C GLN A 247 7.41 -9.93 -27.36
N MET A 248 8.30 -10.93 -27.26
CA MET A 248 8.08 -12.25 -27.84
C MET A 248 8.12 -13.32 -26.75
N PRO A 249 6.97 -13.85 -26.34
CA PRO A 249 7.05 -14.91 -25.31
C PRO A 249 7.58 -16.20 -25.91
N GLN A 250 7.89 -17.17 -25.04
CA GLN A 250 8.58 -18.36 -25.55
C GLN A 250 8.33 -19.57 -24.66
N PRO A 251 7.41 -20.45 -25.06
CA PRO A 251 7.28 -21.67 -24.24
C PRO A 251 8.34 -22.72 -24.64
N THR A 252 8.72 -23.54 -23.66
CA THR A 252 9.59 -24.72 -23.88
C THR A 252 8.96 -25.89 -23.15
N PHE A 253 8.99 -27.10 -23.69
CA PHE A 253 8.28 -28.14 -22.99
C PHE A 253 8.88 -29.53 -23.18
N THR A 254 8.75 -30.34 -22.15
CA THR A 254 9.08 -31.75 -22.25
C THR A 254 7.82 -32.57 -21.98
N LEU A 255 6.67 -31.94 -22.12
CA LEU A 255 5.39 -32.66 -22.02
C LEU A 255 5.31 -33.83 -22.98
N ARG A 256 4.77 -34.95 -22.50
CA ARG A 256 4.70 -36.16 -23.32
C ARG A 256 3.24 -36.44 -23.75
N LYS A 257 2.33 -35.65 -23.22
CA LYS A 257 0.89 -35.78 -23.50
C LYS A 257 0.29 -34.41 -23.70
N LYS A 258 -0.91 -34.38 -24.26
CA LYS A 258 -1.71 -33.15 -24.27
C LYS A 258 -2.06 -32.70 -22.86
N LEU A 259 -1.97 -31.40 -22.60
CA LEU A 259 -2.25 -30.86 -21.30
C LEU A 259 -3.51 -30.02 -21.40
N VAL A 260 -4.60 -30.51 -20.83
CA VAL A 260 -5.85 -29.77 -20.81
C VAL A 260 -6.30 -29.60 -19.37
N PHE A 261 -6.96 -28.48 -19.10
CA PHE A 261 -7.49 -28.18 -17.77
C PHE A 261 -9.03 -28.14 -17.87
N PRO A 262 -9.72 -29.27 -17.62
CA PRO A 262 -11.17 -29.37 -17.79
C PRO A 262 -11.96 -28.62 -16.72
N LEU B 7 22.27 -14.34 38.88
CA LEU B 7 21.70 -13.34 37.97
C LEU B 7 20.52 -13.93 37.17
N ASP B 8 19.60 -13.07 36.73
CA ASP B 8 18.38 -13.54 36.09
C ASP B 8 18.69 -14.20 34.75
N LYS B 9 17.87 -15.16 34.36
CA LYS B 9 17.99 -15.72 33.02
C LYS B 9 17.49 -14.73 31.99
N VAL B 10 18.17 -14.72 30.86
CA VAL B 10 17.87 -13.83 29.74
C VAL B 10 17.82 -14.64 28.44
N TYR B 11 16.86 -14.35 27.57
CA TYR B 11 16.83 -15.04 26.30
C TYR B 11 18.05 -14.68 25.47
N GLN B 12 18.62 -15.70 24.84
CA GLN B 12 19.69 -15.51 23.87
C GLN B 12 19.18 -14.55 22.77
N MET B 13 20.01 -13.60 22.37
CA MET B 13 19.57 -12.57 21.43
C MET B 13 20.78 -11.97 20.72
N LYS B 14 21.37 -12.78 19.84
CA LYS B 14 22.63 -12.40 19.22
C LYS B 14 22.70 -12.81 17.75
N SER B 15 21.69 -13.53 17.26
CA SER B 15 21.81 -13.99 15.86
C SER B 15 21.63 -12.80 14.93
N LYS B 16 22.17 -12.93 13.72
CA LYS B 16 22.07 -11.88 12.71
C LYS B 16 21.50 -12.42 11.40
N PRO B 17 20.23 -12.09 11.11
CA PRO B 17 19.31 -11.28 11.93
C PRO B 17 18.82 -11.98 13.19
N ARG B 18 18.29 -11.19 14.12
CA ARG B 18 17.65 -11.73 15.35
C ARG B 18 16.48 -12.66 15.01
N GLY B 19 15.81 -12.34 13.91
CA GLY B 19 14.63 -13.11 13.53
C GLY B 19 13.83 -12.23 12.56
N TYR B 20 12.68 -12.75 12.15
CA TYR B 20 11.70 -11.97 11.36
C TYR B 20 10.85 -11.10 12.22
N CYS B 21 10.54 -9.91 11.71
CA CYS B 21 9.52 -9.00 12.30
C CYS B 21 8.47 -8.72 11.24
N LEU B 22 7.33 -9.41 11.32
CA LEU B 22 6.23 -9.23 10.37
C LEU B 22 5.53 -7.97 10.71
N ILE B 23 5.18 -7.16 9.69
CA ILE B 23 4.27 -6.04 9.96
C ILE B 23 3.07 -6.20 9.06
N ILE B 24 1.90 -6.41 9.65
CA ILE B 24 0.66 -6.49 8.94
C ILE B 24 0.07 -5.12 9.07
N ASN B 25 0.05 -4.37 7.97
CA ASN B 25 -0.25 -2.94 8.04
C ASN B 25 -1.50 -2.67 7.24
N ASN B 26 -2.64 -2.58 7.92
CA ASN B 26 -3.89 -2.45 7.17
C ASN B 26 -4.35 -1.03 7.10
N HIS B 27 -4.47 -0.52 5.88
CA HIS B 27 -4.91 0.86 5.67
C HIS B 27 -6.28 0.97 4.98
N ASN B 28 -6.45 0.25 3.89
CA ASN B 28 -7.58 0.46 2.98
C ASN B 28 -8.73 -0.47 3.37
N PHE B 29 -9.80 0.07 3.93
CA PHE B 29 -10.94 -0.73 4.38
C PHE B 29 -12.16 -0.60 3.46
N ALA B 30 -11.93 -0.21 2.21
CA ALA B 30 -13.04 -0.15 1.25
C ALA B 30 -13.84 -1.44 1.16
N LYS B 31 -13.17 -2.60 1.22
CA LYS B 31 -13.88 -3.88 1.06
C LYS B 31 -14.79 -4.11 2.28
N ALA B 32 -14.27 -3.78 3.46
CA ALA B 32 -15.06 -3.87 4.71
C ALA B 32 -16.29 -2.96 4.61
N ARG B 33 -16.09 -1.74 4.13
CA ARG B 33 -17.23 -0.80 4.02
C ARG B 33 -18.27 -1.28 3.03
N GLU B 34 -17.84 -1.98 1.98
CA GLU B 34 -18.79 -2.59 1.04
C GLU B 34 -19.54 -3.80 1.62
N LYS B 35 -18.81 -4.68 2.30
CA LYS B 35 -19.29 -6.04 2.51
C LYS B 35 -19.97 -6.31 3.88
N VAL B 36 -19.55 -5.60 4.93
CA VAL B 36 -20.04 -5.92 6.29
C VAL B 36 -20.96 -4.78 6.76
N PRO B 37 -22.25 -5.07 6.96
CA PRO B 37 -23.20 -3.97 7.15
C PRO B 37 -22.77 -3.00 8.28
N LYS B 38 -22.28 -3.53 9.39
CA LYS B 38 -22.05 -2.66 10.57
C LYS B 38 -20.77 -1.84 10.37
N LEU B 39 -20.03 -2.20 9.34
CA LEU B 39 -18.75 -1.53 9.06
C LEU B 39 -18.86 -0.57 7.88
N HIS B 40 -20.07 -0.10 7.56
CA HIS B 40 -20.25 0.74 6.39
C HIS B 40 -19.42 2.04 6.45
N SER B 41 -19.11 2.52 7.65
CA SER B 41 -18.38 3.78 7.78
CA SER B 41 -18.40 3.80 7.81
C SER B 41 -16.99 3.62 8.39
N ILE B 42 -16.54 2.38 8.48
CA ILE B 42 -15.22 2.17 9.08
C ILE B 42 -14.18 2.90 8.23
N ARG B 43 -13.25 3.57 8.90
CA ARG B 43 -12.36 4.51 8.17
C ARG B 43 -11.11 3.87 7.62
N ASP B 44 -10.62 4.37 6.48
CA ASP B 44 -9.23 4.01 6.10
C ASP B 44 -8.30 4.50 7.22
N ARG B 45 -7.23 3.77 7.51
CA ARG B 45 -6.47 4.03 8.73
C ARG B 45 -5.33 5.00 8.47
N ASN B 46 -5.69 6.21 8.04
CA ASN B 46 -4.68 7.24 7.74
C ASN B 46 -3.80 7.44 8.96
N GLY B 47 -2.48 7.45 8.72
CA GLY B 47 -1.51 7.58 9.79
C GLY B 47 -0.80 6.28 10.08
N THR B 48 -1.36 5.16 9.61
CA THR B 48 -0.72 3.87 9.87
C THR B 48 0.65 3.74 9.19
N HIS B 49 0.88 4.46 8.08
CA HIS B 49 2.22 4.43 7.46
C HIS B 49 3.30 4.92 8.41
N LEU B 50 2.97 5.85 9.30
CA LEU B 50 3.98 6.36 10.23
C LEU B 50 4.30 5.30 11.31
N ASP B 51 3.31 4.50 11.65
CA ASP B 51 3.51 3.36 12.57
C ASP B 51 4.44 2.33 11.91
N ALA B 52 4.13 1.98 10.66
CA ALA B 52 4.95 1.00 9.96
C ALA B 52 6.39 1.50 9.83
N GLY B 53 6.56 2.80 9.53
CA GLY B 53 7.88 3.38 9.39
C GLY B 53 8.65 3.34 10.70
N ALA B 54 7.97 3.69 11.80
CA ALA B 54 8.60 3.66 13.13
C ALA B 54 9.04 2.25 13.54
N LEU B 55 8.17 1.28 13.31
CA LEU B 55 8.50 -0.10 13.65
C LEU B 55 9.64 -0.60 12.79
N THR B 56 9.61 -0.27 11.50
CA THR B 56 10.71 -0.68 10.60
C THR B 56 12.04 -0.12 11.09
N THR B 57 12.08 1.19 11.34
CA THR B 57 13.28 1.83 11.82
C THR B 57 13.77 1.17 13.12
N THR B 58 12.85 1.05 14.07
CA THR B 58 13.17 0.53 15.39
C THR B 58 13.72 -0.89 15.33
N PHE B 59 13.00 -1.79 14.68
CA PHE B 59 13.41 -3.19 14.70
C PHE B 59 14.52 -3.52 13.72
N GLU B 60 14.69 -2.71 12.67
CA GLU B 60 15.85 -2.93 11.82
C GLU B 60 17.12 -2.58 12.57
N GLU B 61 17.07 -1.52 13.37
CA GLU B 61 18.20 -1.14 14.20
C GLU B 61 18.56 -2.21 15.22
N LEU B 62 17.54 -2.90 15.70
CA LEU B 62 17.70 -4.00 16.67
C LEU B 62 18.02 -5.32 15.96
N HIS B 63 18.27 -5.21 14.65
CA HIS B 63 18.77 -6.30 13.77
C HIS B 63 17.75 -7.39 13.44
N PHE B 64 16.45 -7.03 13.37
CA PHE B 64 15.44 -7.91 12.79
C PHE B 64 15.31 -7.72 11.31
N GLU B 65 14.82 -8.75 10.64
CA GLU B 65 14.55 -8.69 9.23
C GLU B 65 13.07 -8.36 9.09
N ILE B 66 12.76 -7.16 8.57
CA ILE B 66 11.37 -6.69 8.53
C ILE B 66 10.64 -7.25 7.31
N LYS B 67 9.42 -7.74 7.54
CA LYS B 67 8.64 -8.35 6.46
C LYS B 67 7.27 -7.65 6.42
N PRO B 68 7.16 -6.53 5.69
CA PRO B 68 5.88 -5.79 5.76
C PRO B 68 4.87 -6.34 4.74
N HIS B 69 3.60 -6.37 5.12
CA HIS B 69 2.52 -6.75 4.22
C HIS B 69 1.39 -5.79 4.41
N ASP B 70 1.03 -5.09 3.34
CA ASP B 70 -0.01 -4.07 3.48
C ASP B 70 -1.39 -4.57 3.08
N ASP B 71 -2.41 -4.05 3.75
CA ASP B 71 -3.80 -4.21 3.30
C ASP B 71 -4.18 -5.67 3.12
N CYS B 72 -4.13 -6.40 4.22
CA CYS B 72 -4.43 -7.83 4.26
C CYS B 72 -5.89 -8.13 4.64
N THR B 73 -6.55 -8.94 3.84
CA THR B 73 -7.75 -9.57 4.30
C THR B 73 -7.42 -10.58 5.41
N VAL B 74 -8.45 -11.09 6.07
CA VAL B 74 -8.24 -12.15 7.06
C VAL B 74 -7.60 -13.38 6.40
N GLU B 75 -8.12 -13.76 5.24
CA GLU B 75 -7.52 -14.86 4.50
C GLU B 75 -6.00 -14.65 4.27
N GLN B 76 -5.63 -13.44 3.86
CA GLN B 76 -4.22 -13.14 3.63
C GLN B 76 -3.38 -13.17 4.90
N ILE B 77 -3.93 -12.64 5.98
CA ILE B 77 -3.26 -12.75 7.26
C ILE B 77 -2.97 -14.21 7.62
N TYR B 78 -3.96 -15.11 7.47
CA TYR B 78 -3.70 -16.50 7.84
C TYR B 78 -2.65 -17.11 6.91
N GLU B 79 -2.67 -16.71 5.64
CA GLU B 79 -1.73 -17.28 4.65
C GLU B 79 -0.31 -16.89 4.99
N ILE B 80 -0.14 -15.62 5.41
CA ILE B 80 1.16 -15.12 5.79
C ILE B 80 1.65 -15.84 7.05
N LEU B 81 0.80 -15.91 8.06
CA LEU B 81 1.24 -16.59 9.30
C LEU B 81 1.58 -18.08 9.05
N LYS B 82 0.81 -18.74 8.19
CA LYS B 82 1.03 -20.15 7.88
C LYS B 82 2.41 -20.40 7.23
N ILE B 83 2.82 -19.53 6.31
CA ILE B 83 4.13 -19.79 5.73
C ILE B 83 5.21 -19.52 6.77
N TYR B 84 5.05 -18.50 7.64
CA TYR B 84 6.09 -18.31 8.68
C TYR B 84 6.07 -19.44 9.73
N GLN B 85 4.89 -20.00 9.98
CA GLN B 85 4.80 -21.20 10.83
C GLN B 85 5.61 -22.37 10.28
N LEU B 86 5.56 -22.51 8.96
CA LEU B 86 6.19 -23.62 8.27
C LEU B 86 7.65 -23.38 7.94
N MET B 87 8.10 -22.15 8.08
CA MET B 87 9.50 -21.84 7.75
C MET B 87 10.44 -22.26 8.88
N ASP B 88 11.72 -22.30 8.55
CA ASP B 88 12.72 -22.74 9.53
C ASP B 88 13.34 -21.57 10.29
N HIS B 89 13.03 -21.45 11.57
CA HIS B 89 13.61 -20.37 12.36
C HIS B 89 14.83 -20.83 13.18
N SER B 90 15.40 -21.98 12.82
CA SER B 90 16.49 -22.56 13.66
C SER B 90 17.65 -21.61 13.87
N ASN B 91 17.92 -20.76 12.89
CA ASN B 91 19.04 -19.82 13.02
C ASN B 91 18.66 -18.44 13.58
N MET B 92 17.40 -18.31 14.00
CA MET B 92 16.88 -17.08 14.61
C MET B 92 16.79 -17.22 16.12
N ASP B 93 16.76 -16.09 16.82
CA ASP B 93 16.66 -16.13 18.26
C ASP B 93 15.27 -15.66 18.73
N CYS B 94 14.47 -15.12 17.81
CA CYS B 94 13.25 -14.41 18.20
C CYS B 94 12.30 -14.34 16.99
N PHE B 95 11.01 -14.15 17.25
CA PHE B 95 10.03 -13.88 16.18
C PHE B 95 9.12 -12.78 16.68
N ILE B 96 8.86 -11.79 15.84
CA ILE B 96 7.98 -10.67 16.17
C ILE B 96 6.91 -10.55 15.11
N CYS B 97 5.66 -10.29 15.51
CA CYS B 97 4.63 -9.98 14.55
C CYS B 97 3.82 -8.78 15.05
N CYS B 98 3.74 -7.74 14.23
CA CYS B 98 3.00 -6.52 14.55
C CYS B 98 1.77 -6.45 13.68
N ILE B 99 0.63 -6.15 14.30
CA ILE B 99 -0.62 -6.06 13.54
C ILE B 99 -1.21 -4.69 13.79
N LEU B 100 -1.41 -3.95 12.69
CA LEU B 100 -1.92 -2.59 12.73
C LEU B 100 -3.27 -2.66 12.01
N SER B 101 -4.37 -2.50 12.71
CA SER B 101 -5.66 -2.68 12.05
C SER B 101 -6.79 -2.12 12.91
N HIS B 102 -8.00 -2.17 12.37
CA HIS B 102 -9.18 -2.00 13.23
C HIS B 102 -9.42 -3.28 14.02
N GLY B 103 -10.19 -3.20 15.11
CA GLY B 103 -10.43 -4.38 15.92
C GLY B 103 -11.68 -4.24 16.76
N ASP B 104 -11.97 -5.30 17.53
CA ASP B 104 -13.11 -5.32 18.44
C ASP B 104 -12.76 -6.35 19.51
N LYS B 105 -13.69 -6.67 20.41
CA LYS B 105 -13.34 -7.50 21.57
C LYS B 105 -12.71 -8.83 21.13
N GLY B 106 -11.43 -9.01 21.46
CA GLY B 106 -10.73 -10.26 21.17
C GLY B 106 -10.32 -10.51 19.73
N ILE B 107 -10.57 -9.56 18.83
CA ILE B 107 -10.35 -9.80 17.41
C ILE B 107 -9.65 -8.61 16.74
N ILE B 108 -9.07 -8.86 15.58
CA ILE B 108 -8.68 -7.79 14.69
C ILE B 108 -9.41 -8.02 13.37
N TYR B 109 -9.61 -6.93 12.62
CA TYR B 109 -10.28 -7.05 11.32
C TYR B 109 -9.31 -7.17 10.19
N GLY B 110 -9.62 -8.00 9.19
CA GLY B 110 -8.96 -7.86 7.91
C GLY B 110 -9.53 -6.65 7.17
N THR B 111 -8.87 -6.23 6.10
CA THR B 111 -9.35 -5.09 5.31
C THR B 111 -10.70 -5.41 4.65
N ASP B 112 -11.07 -6.69 4.62
CA ASP B 112 -12.37 -7.13 4.12
C ASP B 112 -13.49 -7.12 5.17
N GLY B 113 -13.15 -6.80 6.42
CA GLY B 113 -14.14 -6.72 7.48
C GLY B 113 -14.43 -8.05 8.17
N GLN B 114 -13.74 -9.10 7.74
CA GLN B 114 -13.86 -10.38 8.42
C GLN B 114 -13.04 -10.30 9.70
N GLU B 115 -13.33 -11.19 10.63
CA GLU B 115 -12.70 -11.11 11.96
C GLU B 115 -11.63 -12.18 12.09
N ALA B 116 -10.52 -11.85 12.73
CA ALA B 116 -9.55 -12.89 13.14
C ALA B 116 -9.38 -12.78 14.64
N PRO B 117 -9.76 -13.84 15.37
CA PRO B 117 -9.52 -13.86 16.81
C PRO B 117 -8.02 -13.79 17.05
N ILE B 118 -7.60 -12.99 18.03
CA ILE B 118 -6.18 -12.84 18.26
C ILE B 118 -5.54 -14.18 18.66
N TYR B 119 -6.26 -14.98 19.44
CA TYR B 119 -5.68 -16.29 19.82
C TYR B 119 -5.41 -17.20 18.59
N GLU B 120 -6.22 -17.04 17.53
CA GLU B 120 -5.99 -17.85 16.33
C GLU B 120 -4.70 -17.44 15.61
N LEU B 121 -4.26 -16.18 15.80
CA LEU B 121 -3.02 -15.70 15.21
C LEU B 121 -1.82 -16.13 16.07
N THR B 122 -1.88 -15.86 17.37
CA THR B 122 -0.73 -16.19 18.20
C THR B 122 -0.52 -17.71 18.29
N SER B 123 -1.60 -18.49 18.33
CA SER B 123 -1.40 -19.91 18.58
C SER B 123 -0.83 -20.66 17.38
N GLN B 124 -0.56 -19.94 16.27
CA GLN B 124 0.11 -20.58 15.14
C GLN B 124 1.59 -20.79 15.43
N PHE B 125 2.09 -20.20 16.52
CA PHE B 125 3.52 -20.30 16.79
C PHE B 125 3.86 -20.96 18.10
N THR B 126 2.97 -21.84 18.58
CA THR B 126 3.28 -22.68 19.75
C THR B 126 4.48 -23.58 19.47
N GLY B 127 4.99 -24.21 20.52
CA GLY B 127 6.14 -25.09 20.35
C GLY B 127 5.84 -26.28 19.49
N LEU B 128 4.59 -26.76 19.52
CA LEU B 128 4.22 -27.89 18.66
C LEU B 128 4.05 -27.48 17.21
N LYS B 129 3.49 -26.30 16.96
CA LYS B 129 3.24 -25.84 15.61
C LYS B 129 4.48 -25.26 14.91
N CYS B 130 5.38 -24.66 15.66
CA CYS B 130 6.61 -24.11 15.09
C CYS B 130 7.77 -24.55 15.98
N PRO B 131 8.18 -25.80 15.86
CA PRO B 131 9.24 -26.30 16.75
C PRO B 131 10.55 -25.52 16.65
N SER B 132 10.87 -24.91 15.50
CA SER B 132 12.14 -24.19 15.40
C SER B 132 12.10 -22.87 16.17
N LEU B 133 10.94 -22.48 16.70
CA LEU B 133 10.89 -21.37 17.63
C LEU B 133 10.73 -21.81 19.08
N ALA B 134 10.72 -23.11 19.35
CA ALA B 134 10.50 -23.54 20.72
C ALA B 134 11.66 -23.06 21.60
N GLY B 135 11.29 -22.51 22.75
CA GLY B 135 12.21 -21.94 23.71
C GLY B 135 12.64 -20.51 23.38
N LYS B 136 12.15 -19.98 22.26
CA LYS B 136 12.50 -18.62 21.83
C LYS B 136 11.32 -17.69 21.99
N PRO B 137 11.59 -16.41 22.27
CA PRO B 137 10.46 -15.49 22.48
C PRO B 137 9.68 -15.22 21.22
N LYS B 138 8.36 -15.18 21.36
CA LYS B 138 7.48 -14.89 20.25
C LYS B 138 6.70 -13.66 20.69
N VAL B 139 6.86 -12.55 19.98
CA VAL B 139 6.33 -11.27 20.44
C VAL B 139 5.30 -10.77 19.45
N PHE B 140 4.10 -10.48 19.94
CA PHE B 140 3.03 -9.93 19.09
C PHE B 140 2.65 -8.56 19.62
N PHE B 141 2.64 -7.56 18.76
CA PHE B 141 2.16 -6.22 19.11
C PHE B 141 0.90 -5.96 18.32
N ILE B 142 -0.18 -5.68 19.04
CA ILE B 142 -1.47 -5.49 18.40
C ILE B 142 -1.95 -4.06 18.61
N GLN B 143 -1.99 -3.26 17.55
CA GLN B 143 -2.59 -1.94 17.56
C GLN B 143 -3.94 -2.06 16.87
N ALA B 144 -5.00 -2.04 17.68
CA ALA B 144 -6.41 -2.05 17.25
C ALA B 144 -7.24 -1.67 18.44
N CYS B 145 -8.47 -1.22 18.18
CA CYS B 145 -9.44 -1.20 19.27
C CYS B 145 -9.75 -2.60 19.73
N GLN B 146 -10.28 -2.71 20.94
CA GLN B 146 -10.82 -3.98 21.39
C GLN B 146 -12.25 -3.80 21.85
N GLY B 147 -12.95 -2.85 21.23
CA GLY B 147 -14.36 -2.58 21.54
C GLY B 147 -14.64 -1.13 21.25
N ASP B 148 -15.83 -0.65 21.60
CA ASP B 148 -16.17 0.73 21.21
C ASP B 148 -16.37 1.63 22.41
N ASN B 149 -15.92 1.19 23.58
CA ASN B 149 -16.10 2.06 24.73
C ASN B 149 -14.95 3.05 24.89
N TYR B 150 -15.28 4.31 25.21
CA TYR B 150 -14.24 5.23 25.62
C TYR B 150 -13.92 4.91 27.07
N GLN B 151 -12.66 4.96 27.40
CA GLN B 151 -12.17 4.75 28.74
C GLN B 151 -12.07 6.06 29.49
N LYS B 152 -12.66 6.12 30.69
CA LYS B 152 -12.74 7.39 31.41
C LYS B 152 -11.44 7.68 32.13
N GLY B 153 -11.23 8.94 32.47
CA GLY B 153 -10.05 9.34 33.18
C GLY B 153 -10.41 9.76 34.60
N ILE B 154 -9.49 9.52 35.51
CA ILE B 154 -9.72 9.86 36.90
C ILE B 154 -8.56 10.76 37.38
N PRO B 155 -8.87 11.76 38.19
CA PRO B 155 -7.85 12.65 38.79
C PRO B 155 -7.01 11.94 39.87
N VAL B 156 -5.70 12.17 39.84
CA VAL B 156 -4.83 11.74 40.95
C VAL B 156 -3.88 12.90 41.27
N GLU B 157 -3.37 12.92 42.51
CA GLU B 157 -2.43 13.96 42.94
C GLU B 157 -1.00 13.43 43.12
N ARG B 176 15.25 -30.55 28.48
CA ARG B 176 14.11 -30.38 29.37
C ARG B 176 12.84 -30.11 28.55
N TYR B 177 11.67 -30.18 29.19
CA TYR B 177 10.39 -29.98 28.50
C TYR B 177 9.74 -28.71 28.99
N ILE B 178 9.27 -27.88 28.06
CA ILE B 178 8.58 -26.65 28.46
C ILE B 178 7.18 -26.59 27.89
N PRO B 179 6.31 -25.73 28.43
CA PRO B 179 4.92 -25.72 27.97
C PRO B 179 4.79 -25.29 26.51
N ASP B 180 3.85 -25.93 25.80
CA ASP B 180 3.53 -25.53 24.41
C ASP B 180 3.34 -24.02 24.22
N GLU B 181 2.75 -23.37 25.22
CA GLU B 181 2.47 -21.94 25.06
C GLU B 181 3.42 -21.01 25.83
N ALA B 182 4.60 -21.50 26.16
CA ALA B 182 5.62 -20.69 26.77
C ALA B 182 6.23 -19.62 25.82
N ASP B 183 6.85 -18.63 26.44
CA ASP B 183 7.73 -17.66 25.75
C ASP B 183 7.01 -16.71 24.80
N PHE B 184 5.74 -16.41 25.10
CA PHE B 184 5.00 -15.40 24.35
C PHE B 184 4.94 -14.07 25.09
N LEU B 185 4.99 -12.99 24.32
CA LEU B 185 4.67 -11.65 24.84
C LEU B 185 3.61 -11.06 23.89
N LEU B 186 2.46 -10.70 24.47
CA LEU B 186 1.41 -10.03 23.68
C LEU B 186 1.28 -8.62 24.20
N GLY B 187 1.67 -7.66 23.38
CA GLY B 187 1.49 -6.26 23.75
C GLY B 187 0.21 -5.74 23.11
N MET B 188 -0.81 -5.51 23.93
CA MET B 188 -2.05 -4.92 23.42
C MET B 188 -2.08 -3.42 23.57
N ALA B 189 -2.59 -2.73 22.56
CA ALA B 189 -2.72 -1.25 22.64
C ALA B 189 -3.76 -0.80 23.65
N THR B 190 -4.65 -1.70 24.01
CA THR B 190 -5.73 -1.35 24.93
C THR B 190 -6.27 -2.55 25.64
N VAL B 191 -6.76 -2.33 26.87
CA VAL B 191 -7.54 -3.31 27.56
C VAL B 191 -8.78 -3.64 26.73
N ASN B 192 -9.37 -4.80 27.05
CA ASN B 192 -10.59 -5.23 26.37
C ASN B 192 -11.73 -4.20 26.51
N ASN B 193 -12.59 -4.19 25.50
CA ASN B 193 -13.84 -3.40 25.44
C ASN B 193 -13.64 -1.97 25.03
N CYS B 194 -12.39 -1.52 24.90
CA CYS B 194 -12.12 -0.09 24.73
C CYS B 194 -11.39 0.30 23.46
N VAL B 195 -11.54 1.57 23.11
CA VAL B 195 -10.86 2.08 21.92
C VAL B 195 -9.38 2.29 22.11
N SER B 196 -8.63 2.29 21.00
CA SER B 196 -7.29 2.83 20.98
C SER B 196 -7.23 3.88 19.89
N TYR B 197 -6.28 4.82 19.99
CA TYR B 197 -6.35 6.00 19.15
C TYR B 197 -5.24 6.09 18.11
N ARG B 198 -5.61 6.70 16.99
CA ARG B 198 -4.73 6.90 15.85
C ARG B 198 -4.81 8.39 15.48
N ASN B 199 -3.64 9.03 15.34
CA ASN B 199 -3.59 10.43 14.87
C ASN B 199 -3.08 10.39 13.44
N PRO B 200 -3.90 10.83 12.47
CA PRO B 200 -3.48 10.69 11.08
C PRO B 200 -2.15 11.38 10.77
N ALA B 201 -1.82 12.43 11.53
CA ALA B 201 -0.58 13.16 11.27
C ALA B 201 0.63 12.61 12.00
N GLU B 202 0.42 11.66 12.91
CA GLU B 202 1.46 11.15 13.81
C GLU B 202 1.62 9.64 13.90
N GLY B 203 0.54 8.89 13.66
CA GLY B 203 0.58 7.47 13.91
C GLY B 203 -0.24 7.23 15.18
N THR B 204 -0.17 6.01 15.70
CA THR B 204 -1.01 5.71 16.87
C THR B 204 -0.32 5.97 18.21
N TRP B 205 -1.15 6.19 19.25
CA TRP B 205 -0.59 6.51 20.58
C TRP B 205 0.33 5.36 21.00
N TYR B 206 -0.19 4.13 20.84
CA TYR B 206 0.54 2.96 21.35
C TYR B 206 1.82 2.68 20.56
N ILE B 207 1.71 2.57 19.24
CA ILE B 207 2.89 2.16 18.48
C ILE B 207 3.97 3.26 18.57
N GLN B 208 3.55 4.53 18.56
CA GLN B 208 4.58 5.60 18.58
C GLN B 208 5.28 5.62 19.95
N SER B 209 4.53 5.37 21.03
CA SER B 209 5.14 5.33 22.34
CA SER B 209 5.20 5.37 22.34
C SER B 209 6.09 4.11 22.48
N LEU B 210 5.63 2.99 21.95
CA LEU B 210 6.37 1.76 21.97
C LEU B 210 7.71 1.95 21.26
N CYS B 211 7.68 2.50 20.04
CA CYS B 211 8.96 2.65 19.32
C CYS B 211 9.86 3.68 20.03
N GLN B 212 9.28 4.76 20.54
CA GLN B 212 10.10 5.74 21.27
C GLN B 212 10.82 5.09 22.47
N SER B 213 10.07 4.32 23.23
CA SER B 213 10.65 3.71 24.44
C SER B 213 11.70 2.65 24.08
N LEU B 214 11.41 1.84 23.05
CA LEU B 214 12.38 0.84 22.59
C LEU B 214 13.68 1.53 22.17
N ARG B 215 13.54 2.56 21.34
CA ARG B 215 14.72 3.23 20.80
C ARG B 215 15.52 3.91 21.92
N GLU B 216 14.81 4.43 22.92
CA GLU B 216 15.51 5.06 24.05
C GLU B 216 16.13 4.07 25.02
N ARG B 217 15.43 2.97 25.26
CA ARG B 217 15.81 2.08 26.36
C ARG B 217 16.53 0.79 26.00
N CYS B 218 16.32 0.25 24.80
CA CYS B 218 17.07 -0.96 24.46
C CYS B 218 18.60 -0.69 24.48
N PRO B 219 19.06 0.50 24.04
CA PRO B 219 20.52 0.67 24.11
C PRO B 219 21.04 0.74 25.55
N ARG B 220 20.16 0.96 26.53
CA ARG B 220 20.53 0.99 27.94
C ARG B 220 20.51 -0.41 28.55
N GLY B 221 20.06 -1.40 27.76
CA GLY B 221 19.95 -2.77 28.24
C GLY B 221 18.69 -3.11 29.00
N ASP B 222 17.70 -2.21 28.97
CA ASP B 222 16.44 -2.47 29.69
C ASP B 222 15.66 -3.59 29.03
N ASP B 223 14.95 -4.36 29.85
CA ASP B 223 14.16 -5.46 29.32
C ASP B 223 12.77 -5.02 28.88
N ILE B 224 12.08 -5.88 28.13
CA ILE B 224 10.87 -5.42 27.44
C ILE B 224 9.75 -5.15 28.46
N LEU B 225 9.74 -5.83 29.61
CA LEU B 225 8.64 -5.58 30.55
C LEU B 225 8.79 -4.20 31.19
N THR B 226 10.03 -3.80 31.46
CA THR B 226 10.33 -2.47 31.96
C THR B 226 9.92 -1.42 30.92
N ILE B 227 10.28 -1.69 29.68
CA ILE B 227 9.93 -0.81 28.57
C ILE B 227 8.39 -0.71 28.42
N LEU B 228 7.70 -1.84 28.48
CA LEU B 228 6.23 -1.82 28.31
C LEU B 228 5.54 -1.13 29.49
N THR B 229 6.16 -1.13 30.67
CA THR B 229 5.62 -0.42 31.81
C THR B 229 5.68 1.06 31.54
N GLU B 230 6.82 1.49 30.99
CA GLU B 230 6.95 2.89 30.53
C GLU B 230 5.90 3.27 29.47
N VAL B 231 5.69 2.40 28.48
CA VAL B 231 4.67 2.63 27.48
C VAL B 231 3.29 2.80 28.15
N ASN B 232 2.99 1.95 29.11
CA ASN B 232 1.73 2.09 29.85
C ASN B 232 1.63 3.48 30.46
N TYR B 233 2.69 3.94 31.11
CA TYR B 233 2.68 5.28 31.70
C TYR B 233 2.49 6.38 30.68
N GLU B 234 3.22 6.29 29.58
CA GLU B 234 3.23 7.36 28.60
C GLU B 234 1.85 7.48 27.90
N VAL B 235 1.31 6.34 27.50
CA VAL B 235 0.02 6.34 26.80
C VAL B 235 -1.10 6.76 27.79
N SER B 236 -0.98 6.35 29.07
CA SER B 236 -1.94 6.73 30.13
CA SER B 236 -1.99 6.70 30.06
C SER B 236 -2.03 8.21 30.34
N ASN B 237 -0.96 8.92 29.98
CA ASN B 237 -0.88 10.35 30.19
C ASN B 237 -1.40 11.17 29.02
N LYS B 238 -1.76 10.51 27.92
CA LYS B 238 -2.40 11.21 26.79
C LYS B 238 -3.92 11.35 26.99
N ASP B 239 -4.53 12.30 26.30
CA ASP B 239 -5.96 12.57 26.50
C ASP B 239 -6.64 12.77 25.16
N ASP B 240 -7.86 12.26 25.07
CA ASP B 240 -8.73 12.54 23.95
C ASP B 240 -9.70 13.58 24.46
N LYS B 241 -9.38 14.85 24.20
CA LYS B 241 -10.10 15.91 24.87
C LYS B 241 -11.58 15.95 24.46
N LYS B 242 -11.86 15.69 23.18
CA LYS B 242 -13.22 15.78 22.65
C LYS B 242 -14.15 14.86 23.43
N ASN B 243 -13.64 13.70 23.83
CA ASN B 243 -14.47 12.70 24.51
C ASN B 243 -14.12 12.50 25.98
N MET B 244 -13.26 13.35 26.54
CA MET B 244 -12.72 13.10 27.89
C MET B 244 -12.24 11.63 27.98
N GLY B 245 -11.58 11.17 26.92
CA GLY B 245 -11.22 9.78 26.81
C GLY B 245 -9.77 9.46 27.12
N LYS B 246 -9.51 8.23 27.56
CA LYS B 246 -8.18 7.76 27.88
C LYS B 246 -7.91 6.44 27.15
N GLN B 247 -6.67 5.99 27.18
CA GLN B 247 -6.30 4.71 26.59
C GLN B 247 -5.35 4.00 27.55
N MET B 248 -5.57 2.71 27.80
CA MET B 248 -4.76 1.98 28.75
C MET B 248 -4.21 0.72 28.06
N PRO B 249 -2.93 0.74 27.68
CA PRO B 249 -2.40 -0.49 27.06
C PRO B 249 -2.23 -1.62 28.07
N GLN B 250 -1.95 -2.82 27.59
CA GLN B 250 -2.00 -3.98 28.50
C GLN B 250 -1.16 -5.13 27.93
N PRO B 251 0.06 -5.30 28.43
CA PRO B 251 0.82 -6.49 28.06
C PRO B 251 0.38 -7.74 28.83
N THR B 252 0.51 -8.91 28.17
CA THR B 252 0.27 -10.20 28.79
C THR B 252 1.46 -11.10 28.39
N PHE B 253 1.90 -12.01 29.25
CA PHE B 253 3.12 -12.75 28.86
C PHE B 253 3.25 -14.10 29.53
N THR B 254 3.90 -15.01 28.79
CA THR B 254 4.29 -16.32 29.30
C THR B 254 5.83 -16.43 29.18
N LEU B 255 6.50 -15.28 29.05
CA LEU B 255 7.99 -15.27 29.06
C LEU B 255 8.52 -15.91 30.32
N ARG B 256 9.59 -16.71 30.16
CA ARG B 256 10.19 -17.44 31.28
C ARG B 256 11.55 -16.83 31.67
N LYS B 257 12.01 -15.88 30.86
CA LYS B 257 13.30 -15.21 31.05
C LYS B 257 13.15 -13.70 30.78
N LYS B 258 14.15 -12.92 31.17
CA LYS B 258 14.19 -11.51 30.77
C LYS B 258 14.34 -11.43 29.23
N LEU B 259 13.63 -10.49 28.62
CA LEU B 259 13.74 -10.29 27.17
C LEU B 259 14.40 -8.96 26.89
N VAL B 260 15.62 -8.99 26.36
CA VAL B 260 16.33 -7.77 25.98
C VAL B 260 16.65 -7.86 24.48
N PHE B 261 16.72 -6.69 23.85
CA PHE B 261 17.14 -6.58 22.46
C PHE B 261 18.42 -5.75 22.39
N PRO B 262 19.57 -6.40 22.46
CA PRO B 262 20.83 -5.66 22.50
C PRO B 262 21.28 -5.12 21.12
N ASP C 8 -49.64 -15.41 11.74
CA ASP C 8 -49.75 -14.01 11.33
C ASP C 8 -49.76 -13.89 9.83
N LYS C 9 -50.64 -13.05 9.32
CA LYS C 9 -50.63 -12.72 7.91
C LYS C 9 -49.38 -11.93 7.52
N VAL C 10 -48.85 -12.25 6.34
CA VAL C 10 -47.64 -11.61 5.81
C VAL C 10 -47.87 -11.21 4.36
N TYR C 11 -47.42 -10.04 3.93
CA TYR C 11 -47.62 -9.65 2.54
C TYR C 11 -46.85 -10.59 1.60
N GLN C 12 -47.47 -10.97 0.49
CA GLN C 12 -46.74 -11.71 -0.54
C GLN C 12 -45.52 -10.90 -1.00
N MET C 13 -44.38 -11.57 -1.13
CA MET C 13 -43.16 -10.86 -1.43
C MET C 13 -42.20 -11.82 -2.13
N LYS C 14 -42.54 -12.14 -3.38
CA LYS C 14 -41.79 -13.15 -4.08
C LYS C 14 -41.57 -12.84 -5.57
N SER C 15 -42.22 -11.82 -6.09
CA SER C 15 -42.08 -11.51 -7.51
C SER C 15 -40.64 -11.12 -7.82
N LYS C 16 -40.26 -11.31 -9.07
CA LYS C 16 -38.89 -10.97 -9.51
C LYS C 16 -38.92 -9.96 -10.66
N PRO C 17 -38.60 -8.67 -10.41
CA PRO C 17 -38.23 -8.02 -9.16
C PRO C 17 -39.41 -7.91 -8.21
N ARG C 18 -39.14 -7.54 -6.95
CA ARG C 18 -40.21 -7.34 -5.97
C ARG C 18 -41.07 -6.14 -6.35
N GLY C 19 -40.46 -5.17 -7.01
CA GLY C 19 -41.11 -3.90 -7.31
C GLY C 19 -40.07 -2.83 -7.57
N TYR C 20 -40.52 -1.61 -7.86
CA TYR C 20 -39.59 -0.51 -7.99
C TYR C 20 -39.25 0.06 -6.63
N CYS C 21 -37.99 0.45 -6.47
CA CYS C 21 -37.51 1.25 -5.34
C CYS C 21 -37.00 2.58 -5.89
N LEU C 22 -37.83 3.63 -5.84
CA LEU C 22 -37.39 4.96 -6.30
C LEU C 22 -36.44 5.57 -5.27
N ILE C 23 -35.42 6.26 -5.75
CA ILE C 23 -34.64 7.09 -4.87
C ILE C 23 -34.69 8.48 -5.47
N ILE C 24 -35.17 9.45 -4.69
CA ILE C 24 -35.06 10.84 -5.13
C ILE C 24 -33.93 11.42 -4.32
N ASN C 25 -32.81 11.71 -4.99
CA ASN C 25 -31.60 12.05 -4.27
C ASN C 25 -31.19 13.51 -4.55
N ASN C 26 -31.48 14.40 -3.61
CA ASN C 26 -31.25 15.83 -3.83
C ASN C 26 -29.95 16.28 -3.18
N HIS C 27 -29.03 16.69 -4.03
CA HIS C 27 -27.73 17.13 -3.55
C HIS C 27 -27.46 18.62 -3.80
N ASN C 28 -27.73 19.06 -5.03
CA ASN C 28 -27.34 20.41 -5.47
C ASN C 28 -28.45 21.44 -5.22
N PHE C 29 -28.26 22.31 -4.23
CA PHE C 29 -29.30 23.28 -3.90
C PHE C 29 -28.98 24.68 -4.37
N ALA C 30 -28.16 24.75 -5.40
CA ALA C 30 -27.81 26.07 -5.96
C ALA C 30 -29.07 26.86 -6.39
N LYS C 31 -30.04 26.20 -7.01
CA LYS C 31 -31.24 26.90 -7.47
C LYS C 31 -32.03 27.49 -6.28
N ALA C 32 -32.17 26.70 -5.22
CA ALA C 32 -32.81 27.16 -3.99
C ALA C 32 -32.06 28.39 -3.39
N ARG C 33 -30.74 28.31 -3.35
CA ARG C 33 -29.95 29.43 -2.84
C ARG C 33 -30.15 30.69 -3.68
N GLU C 34 -30.48 30.53 -4.96
CA GLU C 34 -30.66 31.69 -5.85
C GLU C 34 -32.07 32.26 -5.67
N LYS C 35 -33.06 31.36 -5.61
CA LYS C 35 -34.45 31.77 -5.82
C LYS C 35 -35.25 32.07 -4.54
N VAL C 36 -34.95 31.39 -3.44
CA VAL C 36 -35.80 31.54 -2.25
C VAL C 36 -35.05 32.31 -1.17
N PRO C 37 -35.50 33.53 -0.87
CA PRO C 37 -34.72 34.37 0.06
C PRO C 37 -34.28 33.70 1.37
N LYS C 38 -35.13 32.98 2.08
CA LYS C 38 -34.73 32.40 3.36
C LYS C 38 -33.77 31.21 3.20
N LEU C 39 -33.60 30.74 1.97
CA LEU C 39 -32.73 29.60 1.70
C LEU C 39 -31.43 30.01 1.07
N HIS C 40 -31.03 31.29 1.25
CA HIS C 40 -29.81 31.77 0.61
C HIS C 40 -28.56 30.98 1.00
N SER C 41 -28.55 30.37 2.18
CA SER C 41 -27.36 29.62 2.61
C SER C 41 -27.61 28.12 2.77
N ILE C 42 -28.74 27.64 2.27
CA ILE C 42 -29.04 26.20 2.41
C ILE C 42 -27.93 25.40 1.73
N ARG C 43 -27.38 24.40 2.42
CA ARG C 43 -26.18 23.75 1.90
C ARG C 43 -26.43 22.65 0.86
N ASP C 44 -25.47 22.44 -0.07
CA ASP C 44 -25.52 21.20 -0.86
C ASP C 44 -25.43 20.01 0.12
N ARG C 45 -26.12 18.90 -0.17
CA ARG C 45 -26.20 17.82 0.82
C ARG C 45 -25.05 16.78 0.67
N ASN C 46 -23.82 17.24 0.85
CA ASN C 46 -22.66 16.38 0.79
C ASN C 46 -22.85 15.20 1.74
N GLY C 47 -22.59 14.00 1.26
CA GLY C 47 -22.86 12.77 2.01
C GLY C 47 -24.04 11.98 1.51
N THR C 48 -24.92 12.62 0.75
CA THR C 48 -26.14 11.97 0.31
C THR C 48 -25.83 10.83 -0.68
N HIS C 49 -24.72 10.94 -1.42
CA HIS C 49 -24.34 9.85 -2.33
C HIS C 49 -24.13 8.54 -1.58
N LEU C 50 -23.67 8.62 -0.33
CA LEU C 50 -23.45 7.42 0.49
C LEU C 50 -24.78 6.78 0.90
N ASP C 51 -25.80 7.59 1.12
CA ASP C 51 -27.13 7.07 1.39
C ASP C 51 -27.68 6.39 0.15
N ALA C 52 -27.54 7.03 -1.00
CA ALA C 52 -28.09 6.43 -2.22
C ALA C 52 -27.39 5.11 -2.47
N GLY C 53 -26.10 5.07 -2.17
CA GLY C 53 -25.28 3.90 -2.42
C GLY C 53 -25.71 2.78 -1.49
N ALA C 54 -25.97 3.14 -0.25
CA ALA C 54 -26.46 2.13 0.73
C ALA C 54 -27.85 1.60 0.41
N LEU C 55 -28.76 2.49 0.04
CA LEU C 55 -30.12 2.07 -0.29
C LEU C 55 -30.10 1.18 -1.53
N THR C 56 -29.28 1.55 -2.53
CA THR C 56 -29.17 0.73 -3.73
C THR C 56 -28.66 -0.70 -3.41
N THR C 57 -27.55 -0.79 -2.69
CA THR C 57 -27.01 -2.11 -2.29
C THR C 57 -28.08 -2.91 -1.56
N THR C 58 -28.68 -2.28 -0.57
CA THR C 58 -29.64 -2.93 0.33
C THR C 58 -30.84 -3.44 -0.43
N PHE C 59 -31.48 -2.57 -1.21
CA PHE C 59 -32.71 -3.05 -1.83
C PHE C 59 -32.51 -3.87 -3.09
N GLU C 60 -31.35 -3.72 -3.72
CA GLU C 60 -31.02 -4.58 -4.85
C GLU C 60 -30.85 -6.01 -4.38
N GLU C 61 -30.20 -6.16 -3.24
CA GLU C 61 -30.04 -7.50 -2.66
C GLU C 61 -31.38 -8.12 -2.31
N LEU C 62 -32.34 -7.28 -1.93
CA LEU C 62 -33.68 -7.74 -1.58
C LEU C 62 -34.55 -7.83 -2.85
N HIS C 63 -33.91 -7.69 -4.01
CA HIS C 63 -34.50 -7.98 -5.33
C HIS C 63 -35.51 -6.93 -5.80
N PHE C 64 -35.29 -5.69 -5.39
CA PHE C 64 -35.99 -4.55 -5.98
C PHE C 64 -35.24 -4.01 -7.18
N GLU C 65 -35.98 -3.32 -8.05
CA GLU C 65 -35.43 -2.67 -9.22
C GLU C 65 -35.20 -1.21 -8.81
N ILE C 66 -33.95 -0.78 -8.68
CA ILE C 66 -33.68 0.56 -8.13
C ILE C 66 -33.82 1.61 -9.22
N LYS C 67 -34.53 2.69 -8.93
CA LYS C 67 -34.74 3.75 -9.89
C LYS C 67 -34.28 5.08 -9.29
N PRO C 68 -33.00 5.43 -9.47
CA PRO C 68 -32.52 6.67 -8.87
C PRO C 68 -32.85 7.87 -9.72
N HIS C 69 -32.96 9.01 -9.05
CA HIS C 69 -33.17 10.31 -9.66
C HIS C 69 -32.40 11.31 -8.84
N ASP C 70 -31.62 12.14 -9.50
CA ASP C 70 -30.80 13.06 -8.76
C ASP C 70 -31.17 14.48 -9.01
N ASP C 71 -31.11 15.28 -7.95
CA ASP C 71 -31.28 16.74 -8.06
C ASP C 71 -32.58 17.16 -8.76
N CYS C 72 -33.67 16.87 -8.07
CA CYS C 72 -35.03 17.12 -8.56
C CYS C 72 -35.67 18.34 -7.93
N THR C 73 -36.17 19.23 -8.78
CA THR C 73 -37.10 20.27 -8.37
C THR C 73 -38.43 19.65 -7.95
N VAL C 74 -39.29 20.45 -7.30
CA VAL C 74 -40.57 19.92 -6.87
C VAL C 74 -41.37 19.45 -8.11
N GLU C 75 -41.41 20.29 -9.14
CA GLU C 75 -42.10 19.89 -10.36
C GLU C 75 -41.59 18.54 -10.91
N GLN C 76 -40.29 18.29 -10.84
CA GLN C 76 -39.72 17.04 -11.34
C GLN C 76 -40.09 15.88 -10.45
N ILE C 77 -40.16 16.13 -9.14
CA ILE C 77 -40.57 15.07 -8.21
C ILE C 77 -42.01 14.66 -8.55
N TYR C 78 -42.86 15.65 -8.82
CA TYR C 78 -44.24 15.31 -9.12
C TYR C 78 -44.31 14.55 -10.46
N GLU C 79 -43.48 14.96 -11.41
CA GLU C 79 -43.41 14.30 -12.73
C GLU C 79 -43.02 12.84 -12.58
N ILE C 80 -42.02 12.59 -11.74
CA ILE C 80 -41.51 11.24 -11.49
C ILE C 80 -42.59 10.35 -10.85
N LEU C 81 -43.21 10.84 -9.79
CA LEU C 81 -44.27 10.09 -9.10
C LEU C 81 -45.45 9.81 -10.03
N LYS C 82 -45.77 10.76 -10.90
CA LYS C 82 -46.87 10.60 -11.85
C LYS C 82 -46.56 9.43 -12.77
N ILE C 83 -45.33 9.37 -13.27
CA ILE C 83 -44.96 8.25 -14.16
C ILE C 83 -45.17 6.89 -13.48
N TYR C 84 -44.75 6.78 -12.22
CA TYR C 84 -44.94 5.53 -11.47
C TYR C 84 -46.38 5.30 -11.08
N GLN C 85 -47.12 6.36 -10.75
CA GLN C 85 -48.56 6.23 -10.47
C GLN C 85 -49.32 5.59 -11.64
N LEU C 86 -48.93 5.95 -12.88
CA LEU C 86 -49.60 5.51 -14.08
C LEU C 86 -49.02 4.22 -14.66
N MET C 87 -47.96 3.70 -14.06
CA MET C 87 -47.36 2.48 -14.54
C MET C 87 -48.17 1.26 -14.04
N ASP C 88 -48.07 0.14 -14.74
CA ASP C 88 -48.78 -1.09 -14.35
C ASP C 88 -47.89 -1.89 -13.39
N HIS C 89 -48.26 -1.91 -12.10
CA HIS C 89 -47.51 -2.65 -11.09
C HIS C 89 -48.09 -4.06 -10.86
N SER C 90 -48.90 -4.55 -11.81
CA SER C 90 -49.61 -5.82 -11.58
C SER C 90 -48.67 -6.96 -11.28
N ASN C 91 -47.48 -6.92 -11.88
CA ASN C 91 -46.57 -8.04 -11.68
C ASN C 91 -45.58 -7.82 -10.53
N MET C 92 -45.76 -6.72 -9.78
CA MET C 92 -44.92 -6.44 -8.61
C MET C 92 -45.66 -6.80 -7.32
N ASP C 93 -44.91 -6.90 -6.23
CA ASP C 93 -45.51 -7.22 -4.94
C ASP C 93 -45.39 -6.03 -4.01
N CYS C 94 -44.58 -5.05 -4.40
CA CYS C 94 -44.27 -3.96 -3.46
C CYS C 94 -43.84 -2.72 -4.20
N PHE C 95 -43.95 -1.55 -3.56
CA PHE C 95 -43.40 -0.33 -4.12
C PHE C 95 -42.71 0.46 -2.98
N ILE C 96 -41.52 0.99 -3.26
CA ILE C 96 -40.76 1.75 -2.27
C ILE C 96 -40.33 3.06 -2.87
N CYS C 97 -40.37 4.14 -2.07
CA CYS C 97 -39.91 5.45 -2.54
C CYS C 97 -39.08 6.08 -1.43
N CYS C 98 -37.82 6.38 -1.74
CA CYS C 98 -36.90 6.97 -0.77
C CYS C 98 -36.64 8.40 -1.17
N ILE C 99 -36.90 9.36 -0.27
CA ILE C 99 -36.64 10.77 -0.59
C ILE C 99 -35.55 11.28 0.32
N LEU C 100 -34.48 11.82 -0.29
CA LEU C 100 -33.33 12.32 0.43
C LEU C 100 -33.23 13.80 0.10
N SER C 101 -33.52 14.68 1.07
CA SER C 101 -33.52 16.10 0.75
C SER C 101 -33.46 16.94 2.01
N HIS C 102 -33.44 18.25 1.82
CA HIS C 102 -33.78 19.16 2.91
C HIS C 102 -35.29 19.12 3.12
N GLY C 103 -35.72 19.52 4.30
CA GLY C 103 -37.15 19.70 4.54
C GLY C 103 -37.49 20.59 5.70
N ASP C 104 -38.80 20.66 5.99
CA ASP C 104 -39.31 21.48 7.09
C ASP C 104 -40.64 20.82 7.53
N LYS C 105 -41.39 21.41 8.47
CA LYS C 105 -42.57 20.75 9.02
C LYS C 105 -43.53 20.27 7.93
N GLY C 106 -43.66 18.95 7.80
CA GLY C 106 -44.58 18.35 6.85
C GLY C 106 -44.19 18.37 5.39
N ILE C 107 -42.99 18.89 5.09
CA ILE C 107 -42.62 19.03 3.67
C ILE C 107 -41.21 18.58 3.40
N ILE C 108 -40.94 18.28 2.12
CA ILE C 108 -39.54 18.20 1.69
C ILE C 108 -39.30 19.26 0.60
N TYR C 109 -38.05 19.68 0.45
CA TYR C 109 -37.72 20.67 -0.55
C TYR C 109 -37.27 20.06 -1.85
N GLY C 110 -37.68 20.66 -2.95
CA GLY C 110 -37.01 20.35 -4.20
C GLY C 110 -35.72 21.16 -4.25
N THR C 111 -34.86 20.86 -5.24
CA THR C 111 -33.59 21.53 -5.26
C THR C 111 -33.76 23.01 -5.63
N ASP C 112 -34.95 23.37 -6.11
CA ASP C 112 -35.27 24.75 -6.46
C ASP C 112 -35.79 25.50 -5.22
N GLY C 113 -35.92 24.79 -4.12
CA GLY C 113 -36.35 25.44 -2.87
C GLY C 113 -37.86 25.56 -2.74
N GLN C 114 -38.60 25.00 -3.71
CA GLN C 114 -40.06 24.89 -3.57
C GLN C 114 -40.40 23.76 -2.58
N GLU C 115 -41.60 23.80 -2.01
CA GLU C 115 -42.03 22.79 -1.04
C GLU C 115 -42.92 21.75 -1.64
N ALA C 116 -42.74 20.51 -1.24
CA ALA C 116 -43.66 19.40 -1.55
C ALA C 116 -44.19 18.80 -0.24
N PRO C 117 -45.48 18.98 0.06
CA PRO C 117 -46.03 18.33 1.23
C PRO C 117 -45.91 16.82 1.14
N ILE C 118 -45.50 16.19 2.22
CA ILE C 118 -45.25 14.74 2.19
C ILE C 118 -46.52 14.01 1.80
N TYR C 119 -47.66 14.49 2.29
CA TYR C 119 -48.93 13.81 1.99
C TYR C 119 -49.25 13.87 0.51
N GLU C 120 -48.84 14.94 -0.17
CA GLU C 120 -49.07 15.06 -1.61
C GLU C 120 -48.26 14.03 -2.42
N LEU C 121 -47.17 13.55 -1.85
CA LEU C 121 -46.34 12.55 -2.49
C LEU C 121 -46.90 11.13 -2.23
N THR C 122 -47.16 10.83 -0.98
CA THR C 122 -47.65 9.48 -0.65
C THR C 122 -49.05 9.25 -1.22
N SER C 123 -49.89 10.28 -1.24
CA SER C 123 -51.28 10.04 -1.67
C SER C 123 -51.39 9.79 -3.18
N GLN C 124 -50.27 9.86 -3.92
CA GLN C 124 -50.30 9.51 -5.35
C GLN C 124 -50.45 8.00 -5.54
N PHE C 125 -50.30 7.21 -4.49
CA PHE C 125 -50.29 5.75 -4.62
C PHE C 125 -51.37 5.06 -3.82
N THR C 126 -52.47 5.77 -3.54
CA THR C 126 -53.63 5.14 -2.90
C THR C 126 -54.22 4.07 -3.81
N GLY C 127 -55.14 3.27 -3.27
CA GLY C 127 -55.75 2.24 -4.12
C GLY C 127 -56.50 2.81 -5.30
N LEU C 128 -57.05 4.01 -5.14
CA LEU C 128 -57.81 4.61 -6.23
C LEU C 128 -56.90 5.21 -7.29
N LYS C 129 -55.79 5.79 -6.85
CA LYS C 129 -54.89 6.43 -7.80
C LYS C 129 -53.97 5.44 -8.49
N CYS C 130 -53.63 4.35 -7.79
CA CYS C 130 -52.77 3.31 -8.37
C CYS C 130 -53.34 1.92 -8.09
N PRO C 131 -54.36 1.54 -8.84
CA PRO C 131 -55.04 0.27 -8.59
C PRO C 131 -54.15 -0.96 -8.62
N SER C 132 -53.07 -0.92 -9.41
CA SER C 132 -52.28 -2.13 -9.55
C SER C 132 -51.35 -2.34 -8.37
N LEU C 133 -51.34 -1.38 -7.42
CA LEU C 133 -50.68 -1.52 -6.13
C LEU C 133 -51.68 -1.76 -5.01
N ALA C 134 -52.98 -1.84 -5.32
CA ALA C 134 -53.96 -2.03 -4.26
C ALA C 134 -53.76 -3.37 -3.56
N GLY C 135 -53.72 -3.32 -2.21
CA GLY C 135 -53.45 -4.45 -1.36
C GLY C 135 -51.97 -4.80 -1.20
N LYS C 136 -51.10 -4.01 -1.83
CA LYS C 136 -49.65 -4.27 -1.75
C LYS C 136 -49.00 -3.13 -0.92
N PRO C 137 -47.92 -3.45 -0.21
CA PRO C 137 -47.28 -2.43 0.64
C PRO C 137 -46.64 -1.33 -0.19
N LYS C 138 -46.80 -0.11 0.31
CA LYS C 138 -46.22 1.07 -0.30
C LYS C 138 -45.40 1.70 0.77
N VAL C 139 -44.09 1.72 0.57
CA VAL C 139 -43.18 2.13 1.64
C VAL C 139 -42.47 3.41 1.22
N PHE C 140 -42.54 4.43 2.09
CA PHE C 140 -41.83 5.70 1.85
C PHE C 140 -40.85 5.93 2.96
N PHE C 141 -39.59 6.21 2.64
CA PHE C 141 -38.56 6.55 3.63
C PHE C 141 -38.19 8.00 3.35
N ILE C 142 -38.30 8.87 4.36
CA ILE C 142 -38.09 10.29 4.12
C ILE C 142 -36.93 10.77 4.98
N GLN C 143 -35.79 11.07 4.35
CA GLN C 143 -34.64 11.62 5.05
C GLN C 143 -34.64 13.12 4.75
N ALA C 144 -35.02 13.91 5.76
CA ALA C 144 -35.09 15.37 5.71
C ALA C 144 -35.32 15.87 7.14
N CYS C 145 -35.00 17.13 7.39
CA CYS C 145 -35.49 17.77 8.60
C CYS C 145 -36.98 17.96 8.49
N GLN C 146 -37.62 18.10 9.65
CA GLN C 146 -39.03 18.47 9.67
C GLN C 146 -39.18 19.69 10.54
N GLY C 147 -38.17 20.58 10.53
CA GLY C 147 -38.25 21.83 11.29
C GLY C 147 -36.84 22.17 11.71
N ASP C 148 -36.66 23.21 12.50
CA ASP C 148 -35.28 23.60 12.76
C ASP C 148 -34.91 23.44 14.22
N ASN C 149 -35.74 22.75 15.00
CA ASN C 149 -35.42 22.58 16.41
C ASN C 149 -34.47 21.43 16.63
N TYR C 150 -33.50 21.64 17.51
CA TYR C 150 -32.71 20.52 18.00
C TYR C 150 -33.54 19.78 19.02
N GLN C 151 -33.54 18.48 18.94
CA GLN C 151 -34.21 17.64 19.92
C GLN C 151 -33.31 17.45 21.14
N LYS C 152 -33.84 17.66 22.36
CA LYS C 152 -33.01 17.59 23.56
C LYS C 152 -32.86 16.13 24.02
N GLY C 153 -31.79 15.85 24.77
CA GLY C 153 -31.58 14.52 25.29
C GLY C 153 -31.82 14.48 26.77
N ILE C 154 -32.20 13.32 27.30
CA ILE C 154 -32.43 13.21 28.74
C ILE C 154 -31.74 11.95 29.26
N PRO C 155 -31.23 11.99 30.50
CA PRO C 155 -30.54 10.80 31.05
C PRO C 155 -31.51 9.70 31.52
N VAL C 156 -31.17 8.44 31.26
CA VAL C 156 -32.10 7.34 31.58
C VAL C 156 -31.38 6.20 32.30
N ARG C 176 -64.23 -8.38 -1.40
CA ARG C 176 -63.38 -7.81 -0.35
C ARG C 176 -62.88 -6.41 -0.74
N TYR C 177 -63.24 -5.44 0.11
CA TYR C 177 -62.79 -4.08 -0.07
C TYR C 177 -61.91 -3.67 1.08
N ILE C 178 -60.84 -2.94 0.79
CA ILE C 178 -60.02 -2.41 1.83
C ILE C 178 -59.94 -0.89 1.69
N PRO C 179 -59.49 -0.19 2.75
CA PRO C 179 -59.42 1.26 2.62
C PRO C 179 -58.48 1.76 1.55
N ASP C 180 -58.87 2.88 0.95
CA ASP C 180 -58.05 3.59 -0.05
C ASP C 180 -56.62 3.87 0.42
N GLU C 181 -56.46 4.19 1.72
CA GLU C 181 -55.14 4.48 2.26
C GLU C 181 -54.54 3.33 3.07
N ALA C 182 -54.93 2.07 2.80
CA ALA C 182 -54.33 0.94 3.48
C ALA C 182 -52.93 0.61 2.92
N ASP C 183 -52.18 -0.15 3.72
CA ASP C 183 -50.91 -0.78 3.28
C ASP C 183 -49.76 0.21 3.02
N PHE C 184 -49.77 1.32 3.78
CA PHE C 184 -48.67 2.29 3.70
C PHE C 184 -47.76 2.16 4.87
N LEU C 185 -46.46 2.38 4.63
CA LEU C 185 -45.53 2.56 5.72
C LEU C 185 -44.78 3.85 5.42
N LEU C 186 -44.76 4.78 6.37
CA LEU C 186 -44.02 6.02 6.19
C LEU C 186 -42.90 6.01 7.26
N GLY C 187 -41.66 5.85 6.83
CA GLY C 187 -40.51 5.89 7.75
C GLY C 187 -39.92 7.31 7.74
N MET C 188 -40.17 8.10 8.78
CA MET C 188 -39.62 9.46 8.91
C MET C 188 -38.31 9.43 9.66
N ALA C 189 -37.35 10.25 9.22
CA ALA C 189 -36.05 10.31 9.91
C ALA C 189 -36.16 11.02 11.27
N THR C 190 -37.21 11.81 11.41
CA THR C 190 -37.41 12.58 12.63
C THR C 190 -38.88 12.85 12.89
N VAL C 191 -39.20 13.02 14.16
CA VAL C 191 -40.47 13.59 14.61
C VAL C 191 -40.61 14.98 14.04
N ASN C 192 -41.85 15.45 14.01
CA ASN C 192 -42.11 16.79 13.49
C ASN C 192 -41.38 17.88 14.30
N ASN C 193 -41.12 19.01 13.63
CA ASN C 193 -40.48 20.21 14.21
C ASN C 193 -38.97 20.14 14.37
N CYS C 194 -38.36 18.98 14.16
CA CYS C 194 -36.96 18.82 14.56
C CYS C 194 -36.05 18.49 13.40
N VAL C 195 -34.75 18.68 13.63
CA VAL C 195 -33.76 18.39 12.62
C VAL C 195 -33.44 16.88 12.52
N SER C 196 -32.96 16.48 11.35
CA SER C 196 -32.23 15.21 11.23
C SER C 196 -30.83 15.46 10.69
N TYR C 197 -29.92 14.51 10.94
CA TYR C 197 -28.52 14.81 10.71
C TYR C 197 -27.90 14.05 9.54
N ARG C 198 -26.95 14.72 8.90
CA ARG C 198 -26.18 14.19 7.81
C ARG C 198 -24.71 14.37 8.11
N ASN C 199 -23.94 13.30 7.94
CA ASN C 199 -22.49 13.36 8.09
C ASN C 199 -21.87 13.28 6.70
N PRO C 200 -21.24 14.35 6.25
CA PRO C 200 -20.73 14.35 4.89
C PRO C 200 -19.79 13.18 4.58
N ALA C 201 -19.15 12.64 5.62
CA ALA C 201 -18.21 11.56 5.41
C ALA C 201 -18.86 10.18 5.47
N GLU C 202 -20.10 10.12 5.94
CA GLU C 202 -20.76 8.83 6.22
C GLU C 202 -22.15 8.60 5.62
N GLY C 203 -22.87 9.70 5.35
CA GLY C 203 -24.29 9.62 5.04
C GLY C 203 -25.12 10.09 6.23
N THR C 204 -26.41 9.84 6.19
CA THR C 204 -27.30 10.37 7.24
C THR C 204 -27.49 9.33 8.34
N TRP C 205 -27.70 9.81 9.55
CA TRP C 205 -27.92 8.88 10.69
C TRP C 205 -29.03 7.86 10.38
N TYR C 206 -30.15 8.37 9.87
CA TYR C 206 -31.34 7.56 9.67
C TYR C 206 -31.10 6.56 8.55
N ILE C 207 -30.63 7.04 7.40
CA ILE C 207 -30.60 6.08 6.26
C ILE C 207 -29.49 5.03 6.50
N GLN C 208 -28.36 5.43 7.06
CA GLN C 208 -27.31 4.45 7.30
C GLN C 208 -27.75 3.41 8.34
N SER C 209 -28.50 3.81 9.37
CA SER C 209 -28.98 2.87 10.38
CA SER C 209 -28.96 2.86 10.37
C SER C 209 -30.04 1.95 9.79
N LEU C 210 -30.89 2.51 8.95
CA LEU C 210 -31.96 1.77 8.25
C LEU C 210 -31.34 0.67 7.37
N CYS C 211 -30.40 1.04 6.49
CA CYS C 211 -29.74 0.01 5.65
C CYS C 211 -28.97 -1.02 6.47
N GLN C 212 -28.27 -0.61 7.51
CA GLN C 212 -27.56 -1.60 8.31
C GLN C 212 -28.53 -2.60 8.93
N SER C 213 -29.62 -2.12 9.51
CA SER C 213 -30.56 -3.03 10.15
C SER C 213 -31.26 -3.92 9.12
N LEU C 214 -31.65 -3.37 7.97
CA LEU C 214 -32.22 -4.20 6.90
C LEU C 214 -31.28 -5.33 6.48
N ARG C 215 -30.04 -4.96 6.20
CA ARG C 215 -29.06 -5.90 5.73
C ARG C 215 -28.77 -6.96 6.77
N GLU C 216 -28.79 -6.58 8.03
CA GLU C 216 -28.54 -7.57 9.10
C GLU C 216 -29.75 -8.45 9.43
N ARG C 217 -30.95 -7.89 9.35
CA ARG C 217 -32.12 -8.58 9.90
C ARG C 217 -33.07 -9.19 8.85
N CYS C 218 -33.13 -8.63 7.64
CA CYS C 218 -33.94 -9.28 6.61
C CYS C 218 -33.57 -10.74 6.38
N PRO C 219 -32.26 -11.08 6.36
CA PRO C 219 -31.97 -12.49 6.13
C PRO C 219 -32.44 -13.39 7.25
N ARG C 220 -32.67 -12.85 8.45
CA ARG C 220 -33.20 -13.64 9.57
C ARG C 220 -34.73 -13.72 9.53
N GLY C 221 -35.33 -13.02 8.57
CA GLY C 221 -36.78 -13.04 8.42
C GLY C 221 -37.56 -12.07 9.31
N ASP C 222 -36.87 -11.11 9.92
CA ASP C 222 -37.54 -10.10 10.76
C ASP C 222 -38.40 -9.15 9.93
N ASP C 223 -39.51 -8.72 10.50
CA ASP C 223 -40.38 -7.79 9.78
C ASP C 223 -39.95 -6.34 9.95
N ILE C 224 -40.51 -5.49 9.08
CA ILE C 224 -40.05 -4.11 8.96
C ILE C 224 -40.35 -3.31 10.22
N LEU C 225 -41.42 -3.64 10.96
CA LEU C 225 -41.67 -2.83 12.18
C LEU C 225 -40.67 -3.18 13.28
N THR C 226 -40.28 -4.45 13.37
CA THR C 226 -39.19 -4.88 14.25
C THR C 226 -37.89 -4.19 13.90
N ILE C 227 -37.62 -4.11 12.60
CA ILE C 227 -36.40 -3.47 12.13
C ILE C 227 -36.43 -1.96 12.41
N LEU C 228 -37.59 -1.33 12.18
CA LEU C 228 -37.66 0.10 12.40
C LEU C 228 -37.58 0.44 13.89
N THR C 229 -38.01 -0.48 14.74
CA THR C 229 -37.85 -0.27 16.18
C THR C 229 -36.36 -0.20 16.53
N GLU C 230 -35.59 -1.12 15.95
CA GLU C 230 -34.14 -1.09 16.15
C GLU C 230 -33.51 0.19 15.59
N VAL C 231 -34.02 0.67 14.44
CA VAL C 231 -33.50 1.90 13.85
C VAL C 231 -33.76 3.04 14.84
N ASN C 232 -34.99 3.09 15.38
CA ASN C 232 -35.29 4.04 16.46
C ASN C 232 -34.28 3.96 17.56
N TYR C 233 -34.01 2.75 18.05
CA TYR C 233 -33.04 2.62 19.14
C TYR C 233 -31.65 3.12 18.76
N GLU C 234 -31.16 2.70 17.59
CA GLU C 234 -29.78 3.02 17.14
C GLU C 234 -29.59 4.53 16.88
N VAL C 235 -30.57 5.14 16.24
CA VAL C 235 -30.46 6.59 15.96
C VAL C 235 -30.61 7.38 17.28
N SER C 236 -31.48 6.92 18.18
CA SER C 236 -31.65 7.56 19.50
CA SER C 236 -31.64 7.64 19.45
C SER C 236 -30.38 7.61 20.33
N ASN C 237 -29.44 6.74 20.02
CA ASN C 237 -28.25 6.62 20.83
C ASN C 237 -27.08 7.44 20.27
N LYS C 238 -27.30 8.08 19.11
CA LYS C 238 -26.30 8.99 18.55
C LYS C 238 -26.45 10.39 19.18
N ASP C 239 -25.38 11.18 19.13
CA ASP C 239 -25.37 12.49 19.74
C ASP C 239 -24.75 13.53 18.81
N ASP C 240 -25.37 14.69 18.77
CA ASP C 240 -24.75 15.88 18.21
C ASP C 240 -24.12 16.65 19.37
N LYS C 241 -22.83 16.42 19.63
CA LYS C 241 -22.18 17.04 20.78
C LYS C 241 -22.31 18.57 20.77
N LYS C 242 -22.00 19.20 19.63
CA LYS C 242 -21.90 20.65 19.55
C LYS C 242 -23.17 21.35 20.00
N ASN C 243 -24.30 20.69 19.84
CA ASN C 243 -25.58 21.30 20.21
C ASN C 243 -26.29 20.55 21.35
N MET C 244 -25.63 19.55 21.92
CA MET C 244 -26.29 18.60 22.85
C MET C 244 -27.59 18.09 22.20
N GLY C 245 -27.50 17.75 20.93
CA GLY C 245 -28.67 17.38 20.16
C GLY C 245 -28.91 15.90 19.98
N LYS C 246 -30.18 15.56 19.81
CA LYS C 246 -30.60 14.21 19.53
C LYS C 246 -31.46 14.14 18.28
N GLN C 247 -31.77 12.94 17.86
CA GLN C 247 -32.64 12.71 16.70
C GLN C 247 -33.50 11.51 17.02
N MET C 248 -34.81 11.66 16.85
CA MET C 248 -35.78 10.61 17.08
C MET C 248 -36.58 10.28 15.81
N PRO C 249 -36.27 9.16 15.15
CA PRO C 249 -37.07 8.79 13.98
C PRO C 249 -38.46 8.33 14.38
N GLN C 250 -39.35 8.18 13.38
CA GLN C 250 -40.74 7.99 13.70
C GLN C 250 -41.49 7.34 12.54
N PRO C 251 -41.71 6.02 12.63
CA PRO C 251 -42.55 5.39 11.61
C PRO C 251 -44.03 5.55 11.90
N THR C 252 -44.83 5.59 10.82
CA THR C 252 -46.29 5.62 10.90
C THR C 252 -46.79 4.61 9.89
N PHE C 253 -47.88 3.88 10.17
CA PHE C 253 -48.20 2.84 9.20
C PHE C 253 -49.67 2.53 9.18
N THR C 254 -50.13 2.16 7.99
CA THR C 254 -51.46 1.55 7.81
C THR C 254 -51.32 0.12 7.23
N LEU C 255 -50.15 -0.48 7.41
CA LEU C 255 -49.99 -1.90 7.06
C LEU C 255 -50.98 -2.80 7.79
N ARG C 256 -51.47 -3.81 7.07
CA ARG C 256 -52.49 -4.72 7.60
C ARG C 256 -51.92 -6.12 7.81
N LYS C 257 -50.66 -6.32 7.42
CA LYS C 257 -49.98 -7.61 7.50
C LYS C 257 -48.55 -7.37 7.93
N LYS C 258 -47.84 -8.41 8.38
CA LYS C 258 -46.39 -8.29 8.52
C LYS C 258 -45.72 -8.04 7.18
N LEU C 259 -44.72 -7.15 7.22
CA LEU C 259 -43.94 -6.82 6.02
C LEU C 259 -42.55 -7.39 6.16
N VAL C 260 -42.24 -8.43 5.38
CA VAL C 260 -40.87 -8.97 5.34
C VAL C 260 -40.35 -8.91 3.92
N PHE C 261 -39.01 -8.82 3.81
CA PHE C 261 -38.31 -8.80 2.53
C PHE C 261 -37.41 -10.03 2.44
N PRO C 262 -37.92 -11.14 1.92
CA PRO C 262 -37.11 -12.38 1.91
C PRO C 262 -35.91 -12.24 0.99
N SER C 263 -34.79 -12.82 1.42
CA SER C 263 -33.48 -12.42 0.91
C SER C 263 -32.64 -13.63 0.58
N ASP D 8 53.47 1.25 -8.26
CA ASP D 8 52.79 2.54 -8.25
C ASP D 8 52.69 3.11 -6.84
N LYS D 9 52.94 4.40 -6.70
CA LYS D 9 52.72 5.10 -5.43
C LYS D 9 51.23 5.25 -5.15
N VAL D 10 50.83 5.12 -3.89
CA VAL D 10 49.41 5.20 -3.51
C VAL D 10 49.29 6.10 -2.30
N TYR D 11 48.27 6.96 -2.28
CA TYR D 11 48.08 7.81 -1.12
C TYR D 11 47.77 6.96 0.12
N GLN D 12 48.39 7.34 1.23
CA GLN D 12 48.08 6.73 2.52
C GLN D 12 46.58 6.88 2.76
N MET D 13 45.91 5.82 3.25
CA MET D 13 44.47 5.93 3.41
C MET D 13 44.04 4.93 4.48
N LYS D 14 44.39 5.25 5.73
CA LYS D 14 44.18 4.28 6.82
C LYS D 14 43.68 4.94 8.09
N SER D 15 43.63 6.27 8.11
CA SER D 15 43.24 6.92 9.35
C SER D 15 41.74 6.64 9.59
N LYS D 16 41.33 6.69 10.85
CA LYS D 16 39.94 6.46 11.21
C LYS D 16 39.41 7.62 12.04
N PRO D 17 38.54 8.47 11.47
CA PRO D 17 38.04 8.42 10.09
C PRO D 17 39.12 8.80 9.09
N ARG D 18 38.85 8.49 7.82
CA ARG D 18 39.73 8.89 6.72
C ARG D 18 39.86 10.38 6.61
N GLY D 19 38.78 11.08 6.97
CA GLY D 19 38.75 12.51 6.74
C GLY D 19 37.29 12.91 6.75
N TYR D 20 37.05 14.20 6.58
CA TYR D 20 35.68 14.70 6.41
C TYR D 20 35.20 14.53 5.00
N CYS D 21 33.91 14.18 4.88
CA CYS D 21 33.20 14.24 3.61
C CYS D 21 32.07 15.26 3.73
N LEU D 22 32.30 16.47 3.22
CA LEU D 22 31.24 17.51 3.23
C LEU D 22 30.23 17.19 2.17
N ILE D 23 28.94 17.33 2.49
CA ILE D 23 27.93 17.22 1.43
C ILE D 23 27.08 18.49 1.50
N ILE D 24 27.29 19.37 0.54
CA ILE D 24 26.53 20.58 0.46
C ILE D 24 25.39 20.23 -0.47
N ASN D 25 24.19 20.15 0.09
CA ASN D 25 23.05 19.55 -0.56
C ASN D 25 21.91 20.55 -0.73
N ASN D 26 21.82 21.17 -1.90
CA ASN D 26 20.85 22.25 -2.11
C ASN D 26 19.56 21.75 -2.75
N HIS D 27 18.45 21.93 -2.04
CA HIS D 27 17.16 21.49 -2.54
C HIS D 27 16.21 22.65 -2.80
N ASN D 28 16.17 23.57 -1.85
CA ASN D 28 15.08 24.57 -1.79
C ASN D 28 15.55 25.84 -2.48
N PHE D 29 15.03 26.09 -3.68
CA PHE D 29 15.45 27.27 -4.43
C PHE D 29 14.39 28.36 -4.45
N ALA D 30 13.54 28.42 -3.42
CA ALA D 30 12.54 29.49 -3.33
C ALA D 30 13.18 30.90 -3.33
N LYS D 31 14.32 31.06 -2.66
CA LYS D 31 14.97 32.38 -2.59
C LYS D 31 15.45 32.82 -3.97
N ALA D 32 16.13 31.89 -4.68
CA ALA D 32 16.57 32.15 -6.06
C ALA D 32 15.38 32.58 -6.90
N ARG D 33 14.26 31.87 -6.79
CA ARG D 33 13.06 32.18 -7.62
C ARG D 33 12.52 33.58 -7.30
N GLU D 34 12.69 34.01 -6.05
CA GLU D 34 12.29 35.35 -5.65
C GLU D 34 13.29 36.44 -6.11
N LYS D 35 14.59 36.20 -5.89
CA LYS D 35 15.55 37.29 -5.92
C LYS D 35 16.24 37.53 -7.28
N VAL D 36 16.43 36.48 -8.08
CA VAL D 36 17.24 36.62 -9.30
C VAL D 36 16.34 36.50 -10.52
N PRO D 37 16.23 37.59 -11.31
CA PRO D 37 15.23 37.61 -12.38
C PRO D 37 15.29 36.39 -13.31
N LYS D 38 16.48 35.97 -13.75
CA LYS D 38 16.52 34.91 -14.76
C LYS D 38 16.26 33.53 -14.13
N LEU D 39 16.18 33.47 -12.81
CA LEU D 39 15.95 32.18 -12.12
C LEU D 39 14.53 32.09 -11.57
N HIS D 40 13.61 32.84 -12.17
CA HIS D 40 12.24 32.90 -11.64
C HIS D 40 11.58 31.52 -11.60
N SER D 41 11.98 30.63 -12.51
CA SER D 41 11.38 29.28 -12.56
CA SER D 41 11.38 29.29 -12.59
C SER D 41 12.34 28.14 -12.24
N ILE D 42 13.48 28.45 -11.64
CA ILE D 42 14.45 27.40 -11.33
C ILE D 42 13.76 26.47 -10.31
N ARG D 43 13.89 25.17 -10.52
CA ARG D 43 13.16 24.19 -9.70
C ARG D 43 13.82 23.79 -8.40
N ASP D 44 13.00 23.46 -7.41
CA ASP D 44 13.51 22.73 -6.24
C ASP D 44 14.09 21.41 -6.75
N ARG D 45 15.21 20.99 -6.15
CA ARG D 45 15.90 19.84 -6.72
C ARG D 45 15.40 18.52 -6.14
N ASN D 46 14.13 18.21 -6.40
CA ASN D 46 13.57 16.92 -5.96
C ASN D 46 14.40 15.76 -6.48
N GLY D 47 14.67 14.81 -5.60
CA GLY D 47 15.56 13.72 -5.93
C GLY D 47 16.92 13.87 -5.29
N THR D 48 17.27 15.07 -4.85
CA THR D 48 18.61 15.28 -4.34
C THR D 48 18.82 14.50 -3.01
N HIS D 49 17.74 14.23 -2.26
CA HIS D 49 17.81 13.48 -0.99
CA HIS D 49 18.00 13.56 -1.00
C HIS D 49 18.37 12.07 -1.24
N LEU D 50 18.00 11.50 -2.40
CA LEU D 50 18.52 10.18 -2.79
C LEU D 50 20.03 10.22 -3.04
N ASP D 51 20.53 11.30 -3.63
CA ASP D 51 21.97 11.47 -3.84
C ASP D 51 22.69 11.63 -2.51
N ALA D 52 22.13 12.46 -1.62
CA ALA D 52 22.80 12.65 -0.32
C ALA D 52 22.85 11.33 0.48
N GLY D 53 21.75 10.56 0.42
CA GLY D 53 21.64 9.29 1.14
C GLY D 53 22.68 8.31 0.58
N ALA D 54 22.78 8.25 -0.75
CA ALA D 54 23.74 7.36 -1.38
C ALA D 54 25.19 7.75 -1.02
N LEU D 55 25.49 9.05 -1.01
CA LEU D 55 26.87 9.48 -0.71
C LEU D 55 27.19 9.24 0.74
N THR D 56 26.19 9.44 1.60
CA THR D 56 26.37 9.22 3.04
C THR D 56 26.71 7.77 3.29
N THR D 57 25.87 6.85 2.78
CA THR D 57 26.13 5.45 3.00
C THR D 57 27.46 4.98 2.38
N THR D 58 27.72 5.42 1.16
CA THR D 58 28.91 4.99 0.43
C THR D 58 30.18 5.45 1.15
N PHE D 59 30.24 6.72 1.52
CA PHE D 59 31.48 7.21 2.11
C PHE D 59 31.60 6.86 3.61
N GLU D 60 30.46 6.64 4.28
CA GLU D 60 30.52 6.05 5.64
C GLU D 60 31.14 4.65 5.63
N GLU D 61 30.76 3.85 4.65
CA GLU D 61 31.33 2.51 4.54
C GLU D 61 32.82 2.56 4.27
N LEU D 62 33.25 3.61 3.58
CA LEU D 62 34.67 3.85 3.30
C LEU D 62 35.39 4.59 4.45
N HIS D 63 34.68 4.78 5.57
CA HIS D 63 35.21 5.30 6.85
C HIS D 63 35.51 6.80 6.85
N PHE D 64 34.76 7.54 6.05
CA PHE D 64 34.75 9.00 6.16
C PHE D 64 33.71 9.47 7.17
N GLU D 65 33.92 10.67 7.70
CA GLU D 65 32.98 11.26 8.66
C GLU D 65 32.11 12.23 7.86
N ILE D 66 30.80 11.97 7.82
CA ILE D 66 29.96 12.75 6.88
C ILE D 66 29.51 14.05 7.56
N LYS D 67 29.64 15.17 6.85
CA LYS D 67 29.24 16.47 7.35
C LYS D 67 28.20 17.12 6.41
N PRO D 68 26.94 16.85 6.65
CA PRO D 68 25.87 17.33 5.75
C PRO D 68 25.56 18.79 5.99
N HIS D 69 25.33 19.53 4.92
CA HIS D 69 24.90 20.90 5.00
C HIS D 69 23.82 21.07 3.92
N ASP D 70 22.56 21.10 4.33
CA ASP D 70 21.43 21.19 3.38
C ASP D 70 21.02 22.63 3.21
N ASP D 71 20.77 23.06 1.96
CA ASP D 71 20.17 24.34 1.60
C ASP D 71 21.03 25.51 2.04
N CYS D 72 22.14 25.65 1.35
CA CYS D 72 23.12 26.70 1.56
C CYS D 72 23.06 27.78 0.47
N THR D 73 23.06 29.03 0.88
CA THR D 73 23.31 30.14 -0.03
C THR D 73 24.79 30.21 -0.38
N VAL D 74 25.15 31.07 -1.31
CA VAL D 74 26.58 31.20 -1.64
C VAL D 74 27.40 31.69 -0.41
N GLU D 75 26.86 32.66 0.32
CA GLU D 75 27.53 33.17 1.51
C GLU D 75 27.78 32.04 2.50
N GLN D 76 26.79 31.18 2.64
CA GLN D 76 26.89 30.04 3.56
C GLN D 76 27.88 29.00 3.09
N ILE D 77 27.98 28.82 1.77
CA ILE D 77 28.96 27.86 1.22
C ILE D 77 30.37 28.36 1.52
N TYR D 78 30.60 29.67 1.32
CA TYR D 78 31.91 30.21 1.61
C TYR D 78 32.21 30.11 3.12
N GLU D 79 31.20 30.29 3.96
CA GLU D 79 31.38 30.18 5.40
C GLU D 79 31.79 28.75 5.81
N ILE D 80 31.12 27.76 5.22
CA ILE D 80 31.44 26.36 5.53
C ILE D 80 32.84 26.01 5.05
N LEU D 81 33.19 26.45 3.84
CA LEU D 81 34.46 26.04 3.31
C LEU D 81 35.57 26.71 4.11
N LYS D 82 35.31 27.93 4.60
CA LYS D 82 36.29 28.63 5.44
C LYS D 82 36.47 27.88 6.79
N ILE D 83 35.37 27.42 7.38
CA ILE D 83 35.48 26.62 8.58
C ILE D 83 36.39 25.40 8.35
N TYR D 84 36.21 24.70 7.21
CA TYR D 84 37.03 23.49 6.97
C TYR D 84 38.44 23.82 6.48
N GLN D 85 38.64 24.98 5.85
CA GLN D 85 39.97 25.41 5.46
C GLN D 85 40.82 25.63 6.71
N LEU D 86 40.18 26.15 7.76
CA LEU D 86 40.89 26.57 8.95
C LEU D 86 40.98 25.44 9.96
N MET D 87 40.33 24.33 9.68
CA MET D 87 40.35 23.22 10.62
C MET D 87 41.67 22.47 10.54
N ASP D 88 42.01 21.77 11.61
CA ASP D 88 43.21 20.95 11.63
C ASP D 88 42.95 19.55 11.05
N HIS D 89 43.42 19.29 9.84
CA HIS D 89 43.26 17.96 9.22
C HIS D 89 44.48 17.05 9.45
N SER D 90 45.32 17.38 10.43
CA SER D 90 46.59 16.64 10.61
C SER D 90 46.36 15.15 10.77
N ASN D 91 45.28 14.78 11.44
CA ASN D 91 45.04 13.36 11.72
C ASN D 91 44.21 12.63 10.65
N MET D 92 43.87 13.35 9.58
CA MET D 92 43.11 12.83 8.43
C MET D 92 44.05 12.49 7.28
N ASP D 93 43.61 11.57 6.42
CA ASP D 93 44.40 11.22 5.24
C ASP D 93 43.82 11.80 3.96
N CYS D 94 42.63 12.41 4.03
CA CYS D 94 41.86 12.78 2.83
C CYS D 94 40.79 13.81 3.16
N PHE D 95 40.36 14.61 2.17
CA PHE D 95 39.22 15.53 2.35
C PHE D 95 38.36 15.37 1.12
N ILE D 96 37.05 15.22 1.32
CA ILE D 96 36.13 15.15 0.22
C ILE D 96 35.05 16.21 0.40
N CYS D 97 34.67 16.85 -0.71
CA CYS D 97 33.57 17.82 -0.68
C CYS D 97 32.63 17.52 -1.85
N CYS D 98 31.35 17.26 -1.56
CA CYS D 98 30.33 17.00 -2.57
C CYS D 98 29.40 18.18 -2.60
N ILE D 99 29.24 18.76 -3.79
CA ILE D 99 28.30 19.86 -4.00
C ILE D 99 27.20 19.39 -4.92
N LEU D 100 25.94 19.49 -4.44
CA LEU D 100 24.77 19.07 -5.22
C LEU D 100 23.90 20.32 -5.36
N SER D 101 23.79 20.84 -6.57
CA SER D 101 23.10 22.09 -6.74
C SER D 101 22.76 22.30 -8.21
N HIS D 102 22.06 23.41 -8.47
CA HIS D 102 22.01 23.92 -9.83
C HIS D 102 23.34 24.59 -10.19
N GLY D 103 23.58 24.80 -11.48
CA GLY D 103 24.83 25.43 -11.89
C GLY D 103 24.76 25.99 -13.30
N ASP D 104 25.86 26.63 -13.72
CA ASP D 104 26.01 27.21 -15.04
C ASP D 104 27.50 27.18 -15.32
N LYS D 105 27.91 27.74 -16.44
CA LYS D 105 29.31 27.62 -16.90
C LYS D 105 30.30 28.04 -15.80
N GLY D 106 31.04 27.08 -15.28
CA GLY D 106 32.12 27.34 -14.34
C GLY D 106 31.65 27.67 -12.93
N ILE D 107 30.34 27.62 -12.68
CA ILE D 107 29.83 28.03 -11.37
C ILE D 107 28.80 27.04 -10.80
N ILE D 108 28.52 27.19 -9.51
CA ILE D 108 27.35 26.52 -8.91
C ILE D 108 26.54 27.63 -8.25
N TYR D 109 25.24 27.39 -8.14
CA TYR D 109 24.35 28.33 -7.49
C TYR D 109 24.15 28.02 -6.03
N GLY D 110 24.07 29.06 -5.19
CA GLY D 110 23.50 28.86 -3.88
C GLY D 110 21.97 28.82 -3.97
N THR D 111 21.31 28.47 -2.88
CA THR D 111 19.85 28.46 -2.82
C THR D 111 19.24 29.83 -3.04
N ASP D 112 20.02 30.88 -2.82
CA ASP D 112 19.59 32.27 -3.07
C ASP D 112 19.76 32.72 -4.51
N GLY D 113 20.39 31.87 -5.33
CA GLY D 113 20.60 32.17 -6.74
C GLY D 113 21.86 32.98 -7.05
N GLN D 114 22.66 33.24 -6.02
CA GLN D 114 23.97 33.85 -6.27
C GLN D 114 24.92 32.79 -6.84
N GLU D 115 26.02 33.23 -7.44
CA GLU D 115 26.95 32.31 -8.12
C GLU D 115 28.22 32.12 -7.34
N ALA D 116 28.70 30.87 -7.27
CA ALA D 116 30.06 30.62 -6.75
C ALA D 116 30.91 29.99 -7.86
N PRO D 117 31.96 30.66 -8.32
CA PRO D 117 32.86 29.99 -9.28
C PRO D 117 33.50 28.77 -8.63
N ILE D 118 33.56 27.65 -9.34
CA ILE D 118 34.03 26.41 -8.75
C ILE D 118 35.50 26.59 -8.30
N TYR D 119 36.30 27.33 -9.07
CA TYR D 119 37.72 27.49 -8.73
C TYR D 119 37.86 28.22 -7.39
N GLU D 120 36.88 29.06 -7.04
CA GLU D 120 36.90 29.79 -5.76
C GLU D 120 36.64 28.86 -4.61
N LEU D 121 35.95 27.76 -4.87
CA LEU D 121 35.70 26.75 -3.83
C LEU D 121 36.91 25.84 -3.65
N THR D 122 37.35 25.20 -4.73
CA THR D 122 38.48 24.27 -4.61
C THR D 122 39.74 24.95 -4.11
N SER D 123 39.95 26.19 -4.52
CA SER D 123 41.24 26.81 -4.23
C SER D 123 41.33 27.23 -2.75
N GLN D 124 40.27 27.00 -1.97
CA GLN D 124 40.39 27.20 -0.52
C GLN D 124 41.19 26.07 0.16
N PHE D 125 41.57 25.02 -0.58
CA PHE D 125 42.23 23.89 0.04
C PHE D 125 43.63 23.59 -0.52
N THR D 126 44.23 24.58 -1.18
CA THR D 126 45.62 24.48 -1.64
C THR D 126 46.57 24.23 -0.48
N GLY D 127 47.83 23.91 -0.79
CA GLY D 127 48.79 23.62 0.27
C GLY D 127 49.02 24.82 1.18
N LEU D 128 49.00 26.00 0.58
CA LEU D 128 49.22 27.22 1.34
C LEU D 128 48.02 27.61 2.23
N LYS D 129 46.82 27.38 1.76
CA LYS D 129 45.62 27.76 2.51
C LYS D 129 45.22 26.73 3.54
N CYS D 130 45.53 25.47 3.28
CA CYS D 130 45.26 24.41 4.24
C CYS D 130 46.43 23.46 4.37
N PRO D 131 47.44 23.88 5.15
CA PRO D 131 48.70 23.14 5.29
C PRO D 131 48.51 21.71 5.80
N SER D 132 47.50 21.48 6.64
CA SER D 132 47.32 20.16 7.24
C SER D 132 46.71 19.19 6.25
N LEU D 133 46.32 19.68 5.06
CA LEU D 133 45.97 18.75 3.99
C LEU D 133 47.05 18.65 2.90
N ALA D 134 48.16 19.37 3.08
CA ALA D 134 49.23 19.31 2.09
C ALA D 134 49.74 17.88 1.90
N GLY D 135 49.82 17.44 0.64
CA GLY D 135 50.30 16.11 0.35
C GLY D 135 49.16 15.09 0.37
N LYS D 136 47.97 15.54 0.78
CA LYS D 136 46.82 14.63 0.86
C LYS D 136 45.79 14.90 -0.23
N PRO D 137 45.07 13.84 -0.63
CA PRO D 137 44.09 14.04 -1.70
C PRO D 137 42.90 14.87 -1.24
N LYS D 138 42.54 15.80 -2.11
CA LYS D 138 41.41 16.69 -1.96
C LYS D 138 40.48 16.42 -3.10
N VAL D 139 39.32 15.89 -2.78
CA VAL D 139 38.40 15.40 -3.80
C VAL D 139 37.11 16.20 -3.80
N PHE D 140 36.75 16.78 -4.94
CA PHE D 140 35.49 17.50 -5.07
C PHE D 140 34.64 16.80 -6.09
N PHE D 141 33.39 16.52 -5.73
CA PHE D 141 32.41 16.00 -6.66
C PHE D 141 31.33 17.03 -6.88
N ILE D 142 31.17 17.49 -8.11
CA ILE D 142 30.17 18.55 -8.39
C ILE D 142 29.06 18.08 -9.29
N GLN D 143 27.88 17.98 -8.73
CA GLN D 143 26.68 17.62 -9.45
C GLN D 143 25.91 18.91 -9.66
N ALA D 144 25.95 19.41 -10.91
CA ALA D 144 25.28 20.65 -11.31
C ALA D 144 25.35 20.69 -12.83
N CYS D 145 24.45 21.40 -13.46
CA CYS D 145 24.69 21.79 -14.87
C CYS D 145 25.89 22.70 -14.98
N GLN D 146 26.47 22.77 -16.18
CA GLN D 146 27.53 23.73 -16.49
C GLN D 146 27.15 24.53 -17.71
N GLY D 147 25.85 24.70 -17.91
CA GLY D 147 25.34 25.44 -19.04
C GLY D 147 23.97 24.92 -19.36
N ASP D 148 23.35 25.44 -20.42
CA ASP D 148 21.99 25.05 -20.72
C ASP D 148 21.91 24.26 -22.04
N ASN D 149 23.04 23.79 -22.56
CA ASN D 149 22.96 23.04 -23.82
C ASN D 149 22.77 21.56 -23.58
N TYR D 150 21.93 20.94 -24.40
CA TYR D 150 21.83 19.50 -24.43
C TYR D 150 23.01 18.98 -25.24
N GLN D 151 23.68 17.99 -24.69
CA GLN D 151 24.75 17.33 -25.37
C GLN D 151 24.19 16.30 -26.35
N LYS D 152 24.59 16.37 -27.62
CA LYS D 152 24.04 15.49 -28.62
C LYS D 152 24.60 14.08 -28.53
N GLY D 153 23.87 13.12 -29.07
CA GLY D 153 24.28 11.74 -29.12
C GLY D 153 24.73 11.38 -30.52
N ILE D 154 25.75 10.53 -30.62
CA ILE D 154 26.17 10.04 -31.93
C ILE D 154 26.19 8.47 -31.91
N PRO D 155 25.78 7.84 -33.00
CA PRO D 155 25.71 6.36 -33.01
C PRO D 155 27.10 5.69 -33.16
N VAL D 156 27.32 4.56 -32.48
CA VAL D 156 28.60 3.84 -32.58
C VAL D 156 28.35 2.38 -32.91
N ARG D 176 60.32 16.89 0.78
CA ARG D 176 60.64 17.83 -0.29
C ARG D 176 59.46 18.78 -0.53
N TYR D 177 59.49 19.48 -1.65
CA TYR D 177 58.47 20.49 -1.94
C TYR D 177 57.53 20.04 -3.05
N ILE D 178 56.23 20.25 -2.85
CA ILE D 178 55.29 19.93 -3.89
C ILE D 178 54.45 21.17 -4.28
N PRO D 179 53.86 21.17 -5.48
CA PRO D 179 53.10 22.35 -5.90
C PRO D 179 51.89 22.62 -5.00
N ASP D 180 51.62 23.91 -4.82
CA ASP D 180 50.46 24.41 -4.13
C ASP D 180 49.15 23.77 -4.56
N GLU D 181 48.99 23.52 -5.85
CA GLU D 181 47.72 22.96 -6.35
C GLU D 181 47.79 21.46 -6.64
N ALA D 182 48.73 20.76 -6.02
CA ALA D 182 48.84 19.31 -6.17
C ALA D 182 47.74 18.54 -5.44
N ASP D 183 47.51 17.30 -5.88
CA ASP D 183 46.69 16.36 -5.13
C ASP D 183 45.21 16.68 -5.08
N PHE D 184 44.71 17.32 -6.14
CA PHE D 184 43.26 17.54 -6.31
C PHE D 184 42.65 16.55 -7.30
N LEU D 185 41.40 16.17 -7.05
CA LEU D 185 40.59 15.47 -8.01
C LEU D 185 39.27 16.25 -8.07
N LEU D 186 38.90 16.69 -9.28
CA LEU D 186 37.63 17.38 -9.47
C LEU D 186 36.77 16.46 -10.35
N GLY D 187 35.70 15.92 -9.79
CA GLY D 187 34.81 15.03 -10.56
C GLY D 187 33.59 15.88 -11.00
N MET D 188 33.53 16.27 -12.27
CA MET D 188 32.42 17.12 -12.78
C MET D 188 31.36 16.21 -13.39
N ALA D 189 30.08 16.50 -13.11
CA ALA D 189 28.97 15.67 -13.70
C ALA D 189 28.85 15.87 -15.19
N THR D 190 29.38 16.98 -15.68
CA THR D 190 29.29 17.27 -17.10
C THR D 190 30.44 18.14 -17.57
N VAL D 191 30.73 17.98 -18.85
CA VAL D 191 31.60 18.90 -19.56
C VAL D 191 31.00 20.30 -19.53
N ASN D 192 31.84 21.29 -19.79
CA ASN D 192 31.36 22.67 -19.81
C ASN D 192 30.27 22.91 -20.84
N ASN D 193 29.40 23.90 -20.55
CA ASN D 193 28.35 24.42 -21.46
C ASN D 193 27.09 23.57 -21.46
N CYS D 194 27.12 22.40 -20.80
CA CYS D 194 26.03 21.42 -20.93
C CYS D 194 25.29 21.05 -19.64
N VAL D 195 24.09 20.49 -19.81
CA VAL D 195 23.29 20.06 -18.67
C VAL D 195 23.75 18.76 -18.07
N SER D 196 23.38 18.57 -16.80
CA SER D 196 23.39 17.25 -16.19
C SER D 196 22.00 16.94 -15.65
N TYR D 197 21.70 15.66 -15.51
CA TYR D 197 20.33 15.27 -15.25
C TYR D 197 20.05 14.76 -13.85
N ARG D 198 18.83 15.04 -13.41
CA ARG D 198 18.31 14.61 -12.11
C ARG D 198 16.95 13.98 -12.33
N ASN D 199 16.73 12.83 -11.70
CA ASN D 199 15.45 12.14 -11.78
C ASN D 199 14.88 12.17 -10.39
N PRO D 200 13.72 12.83 -10.19
CA PRO D 200 13.23 12.98 -8.82
C PRO D 200 13.03 11.66 -8.10
N ALA D 201 12.77 10.59 -8.85
CA ALA D 201 12.53 9.30 -8.21
C ALA D 201 13.80 8.46 -7.99
N GLU D 202 14.93 8.90 -8.52
CA GLU D 202 16.17 8.11 -8.50
C GLU D 202 17.41 8.80 -7.95
N GLY D 203 17.45 10.12 -8.03
CA GLY D 203 18.69 10.83 -7.83
C GLY D 203 19.27 11.27 -9.18
N THR D 204 20.50 11.75 -9.18
CA THR D 204 21.11 12.22 -10.44
C THR D 204 21.91 11.10 -11.14
N TRP D 205 22.00 11.20 -12.46
CA TRP D 205 22.74 10.22 -13.23
C TRP D 205 24.16 10.10 -12.70
N TYR D 206 24.80 11.24 -12.50
CA TYR D 206 26.21 11.20 -12.11
C TYR D 206 26.44 10.66 -10.71
N ILE D 207 25.77 11.23 -9.71
CA ILE D 207 26.03 10.77 -8.32
C ILE D 207 25.60 9.29 -8.11
N GLN D 208 24.49 8.88 -8.74
CA GLN D 208 24.05 7.50 -8.57
C GLN D 208 25.03 6.55 -9.25
N SER D 209 25.54 6.92 -10.41
CA SER D 209 26.54 6.08 -11.07
CA SER D 209 26.52 6.07 -11.08
C SER D 209 27.86 6.06 -10.28
N LEU D 210 28.27 7.22 -9.77
CA LEU D 210 29.46 7.29 -8.92
C LEU D 210 29.36 6.37 -7.69
N CYS D 211 28.24 6.44 -6.95
CA CYS D 211 28.14 5.62 -5.76
C CYS D 211 28.05 4.15 -6.13
N GLN D 212 27.35 3.83 -7.23
CA GLN D 212 27.30 2.45 -7.67
C GLN D 212 28.71 1.91 -7.96
N SER D 213 29.49 2.69 -8.70
CA SER D 213 30.84 2.24 -9.03
C SER D 213 31.75 2.10 -7.81
N LEU D 214 31.72 3.10 -6.91
CA LEU D 214 32.51 3.04 -5.69
C LEU D 214 32.18 1.78 -4.89
N ARG D 215 30.88 1.51 -4.73
CA ARG D 215 30.41 0.38 -3.94
C ARG D 215 30.85 -0.92 -4.57
N GLU D 216 30.81 -0.95 -5.90
CA GLU D 216 31.23 -2.19 -6.57
C GLU D 216 32.75 -2.40 -6.65
N ARG D 217 33.48 -1.31 -6.83
CA ARG D 217 34.91 -1.42 -7.14
C ARG D 217 35.89 -1.12 -6.00
N CYS D 218 35.48 -0.35 -4.99
CA CYS D 218 36.39 -0.13 -3.85
C CYS D 218 36.73 -1.47 -3.15
N PRO D 219 35.75 -2.41 -3.00
CA PRO D 219 36.18 -3.66 -2.36
C PRO D 219 37.19 -4.47 -3.17
N ARG D 220 37.31 -4.19 -4.46
CA ARG D 220 38.26 -4.92 -5.32
C ARG D 220 39.62 -4.22 -5.33
N GLY D 221 39.66 -3.03 -4.74
CA GLY D 221 40.93 -2.32 -4.61
C GLY D 221 41.19 -1.40 -5.77
N ASP D 222 40.17 -1.14 -6.61
CA ASP D 222 40.37 -0.31 -7.81
C ASP D 222 40.57 1.16 -7.42
N ASP D 223 41.35 1.91 -8.21
CA ASP D 223 41.60 3.32 -7.90
C ASP D 223 40.52 4.23 -8.45
N ILE D 224 40.53 5.49 -8.03
CA ILE D 224 39.42 6.42 -8.34
C ILE D 224 39.35 6.74 -9.83
N LEU D 225 40.50 6.69 -10.52
CA LEU D 225 40.52 7.04 -11.94
C LEU D 225 39.88 5.93 -12.75
N THR D 226 40.12 4.70 -12.31
CA THR D 226 39.45 3.55 -12.89
C THR D 226 37.93 3.61 -12.67
N ILE D 227 37.56 3.94 -11.44
CA ILE D 227 36.15 4.12 -11.08
C ILE D 227 35.51 5.24 -11.90
N LEU D 228 36.18 6.39 -12.02
CA LEU D 228 35.58 7.52 -12.76
C LEU D 228 35.50 7.21 -14.26
N THR D 229 36.43 6.39 -14.77
CA THR D 229 36.31 6.01 -16.17
C THR D 229 35.01 5.19 -16.38
N GLU D 230 34.76 4.30 -15.44
CA GLU D 230 33.53 3.51 -15.54
C GLU D 230 32.26 4.38 -15.40
N VAL D 231 32.33 5.39 -14.54
CA VAL D 231 31.23 6.34 -14.40
C VAL D 231 31.00 7.08 -15.73
N ASN D 232 32.09 7.49 -16.39
CA ASN D 232 31.98 8.10 -17.71
C ASN D 232 31.27 7.16 -18.68
N TYR D 233 31.66 5.89 -18.71
CA TYR D 233 30.98 4.91 -19.57
C TYR D 233 29.48 4.76 -19.22
N GLU D 234 29.18 4.62 -17.94
CA GLU D 234 27.80 4.31 -17.55
C GLU D 234 26.89 5.50 -17.85
N VAL D 235 27.35 6.67 -17.49
CA VAL D 235 26.52 7.86 -17.70
C VAL D 235 26.37 8.15 -19.20
N SER D 236 27.42 7.88 -19.99
CA SER D 236 27.36 8.05 -21.45
C SER D 236 26.33 7.17 -22.13
N ASN D 237 25.92 6.11 -21.46
CA ASN D 237 24.98 5.16 -22.04
C ASN D 237 23.53 5.48 -21.75
N LYS D 238 23.30 6.46 -20.87
CA LYS D 238 21.93 6.91 -20.55
C LYS D 238 21.43 7.91 -21.59
N ASP D 239 20.11 8.03 -21.71
CA ASP D 239 19.50 8.89 -22.71
C ASP D 239 18.38 9.70 -22.13
N ASP D 240 18.34 10.96 -22.54
CA ASP D 240 17.17 11.80 -22.33
C ASP D 240 16.40 11.74 -23.61
N LYS D 241 15.47 10.78 -23.67
CA LYS D 241 14.85 10.44 -24.92
C LYS D 241 14.05 11.64 -25.44
N LYS D 242 13.43 12.39 -24.52
CA LYS D 242 12.59 13.54 -24.87
C LYS D 242 13.30 14.58 -25.73
N ASN D 243 14.55 14.87 -25.39
CA ASN D 243 15.38 15.85 -26.09
C ASN D 243 16.51 15.25 -26.92
N MET D 244 16.51 13.94 -27.10
CA MET D 244 17.61 13.20 -27.75
C MET D 244 18.94 13.66 -27.12
N GLY D 245 18.95 13.72 -25.79
CA GLY D 245 20.03 14.34 -25.05
C GLY D 245 20.95 13.33 -24.36
N LYS D 246 22.21 13.69 -24.18
CA LYS D 246 23.19 12.85 -23.48
C LYS D 246 23.85 13.65 -22.38
N GLN D 247 24.68 12.96 -21.59
CA GLN D 247 25.44 13.62 -20.56
C GLN D 247 26.82 13.02 -20.54
N MET D 248 27.86 13.86 -20.49
CA MET D 248 29.26 13.42 -20.50
C MET D 248 29.99 13.95 -19.29
N PRO D 249 30.18 13.12 -18.23
CA PRO D 249 30.93 13.64 -17.09
C PRO D 249 32.39 13.82 -17.42
N GLN D 250 33.15 14.46 -16.53
CA GLN D 250 34.52 14.83 -16.90
C GLN D 250 35.37 15.09 -15.67
N PRO D 251 36.22 14.13 -15.31
CA PRO D 251 37.17 14.37 -14.22
C PRO D 251 38.39 15.12 -14.68
N THR D 252 38.93 15.90 -13.74
CA THR D 252 40.19 16.63 -13.90
C THR D 252 41.07 16.35 -12.67
N PHE D 253 42.38 16.19 -12.81
CA PHE D 253 43.13 15.86 -11.60
C PHE D 253 44.58 16.34 -11.59
N THR D 254 45.05 16.66 -10.39
CA THR D 254 46.48 16.91 -10.18
C THR D 254 47.01 15.85 -9.17
N LEU D 255 46.28 14.73 -9.02
CA LEU D 255 46.77 13.61 -8.18
C LEU D 255 48.14 13.19 -8.64
N ARG D 256 49.04 12.94 -7.69
CA ARG D 256 50.39 12.47 -7.96
C ARG D 256 50.61 11.01 -7.62
N LYS D 257 49.57 10.40 -7.06
CA LYS D 257 49.59 8.99 -6.67
C LYS D 257 48.24 8.37 -6.99
N LYS D 258 48.20 7.05 -7.01
CA LYS D 258 46.92 6.38 -7.12
C LYS D 258 46.07 6.65 -5.88
N LEU D 259 44.77 6.89 -6.07
CA LEU D 259 43.85 7.13 -4.99
C LEU D 259 42.92 5.92 -4.84
N VAL D 260 43.08 5.18 -3.76
CA VAL D 260 42.20 4.06 -3.46
C VAL D 260 41.60 4.29 -2.08
N PHE D 261 40.34 3.86 -1.91
CA PHE D 261 39.66 3.93 -0.62
C PHE D 261 39.47 2.54 -0.04
N PRO D 262 40.37 2.07 0.84
CA PRO D 262 40.28 0.73 1.44
C PRO D 262 39.43 0.68 2.70
N LEU E 2 4.20 2.08 -19.53
CA LEU E 2 4.86 0.79 -19.47
C LEU E 2 6.12 0.83 -18.65
N GLN E 3 6.38 -0.28 -17.93
CA GLN E 3 7.58 -0.47 -17.17
C GLN E 3 8.13 -1.82 -17.50
N LEU F 2 -7.94 13.00 16.25
CA LEU F 2 -7.90 11.61 16.67
C LEU F 2 -8.98 10.77 16.02
N GLN F 3 -8.63 9.55 15.64
CA GLN F 3 -9.60 8.61 15.13
C GLN F 3 -9.45 7.31 15.93
N LEU G 2 -21.24 17.26 11.56
CA LEU G 2 -22.65 17.06 11.23
C LEU G 2 -23.27 18.27 10.56
N GLN G 3 -24.20 18.00 9.65
CA GLN G 3 -24.97 19.05 9.01
C GLN G 3 -26.43 18.67 9.13
N LEU H 2 12.87 13.37 -16.19
CA LEU H 2 14.15 14.03 -16.06
C LEU H 2 14.00 15.53 -15.90
N GLN H 3 14.82 16.08 -15.00
CA GLN H 3 14.93 17.52 -14.80
C GLN H 3 16.42 17.89 -14.91
#